data_5MX3
#
_entry.id   5MX3
#
_cell.length_a   41.110
_cell.length_b   111.030
_cell.length_c   95.860
_cell.angle_alpha   90.000
_cell.angle_beta   90.380
_cell.angle_gamma   90.000
#
_symmetry.space_group_name_H-M   'P 1 21 1'
#
loop_
_entity.id
_entity.type
_entity.pdbx_description
1 polymer 'antibody Fab heavy chain'
2 polymer 'antibody kappa chain'
#
loop_
_entity_poly.entity_id
_entity_poly.type
_entity_poly.pdbx_seq_one_letter_code
_entity_poly.pdbx_strand_id
1 'polypeptide(L)'
;(PCA)VQLQQSGPELVKPGTSVKMPCKASGYIFTDYVISWVKQRTGQGLEWIGEIFPRSGSTYYNEKFKGKATLTADKSS
NTAYMQLSSVTSEDSAVYFCARDYYGTSFAMDYWGQGTSVTVSSAKTTPPSVYPLAPGSAAQTNSMVTLGCLVKGYFPEP
VTVTWNSGSLSSGVHTFPAVLQSDLYTLSSSVTVPSSTWPSETVTCNVAHPASSTKVDKKIVPR
;
H,A
2 'polypeptide(L)'
;DIVMSQSPSSLAVSAGEKVTMSCKSSQSLLNSRTRKNYLAWYQQKPGQSPKLLIYWASTRESGVPDRFTGSGSGTDFTLT
ISSVQAEDLAVYYCKQSFYLRTFGGGTKLDIKRADAAPTVSIFPPSSEQLTSGGASVVCFLNNFYPKDINVRWKIDGSER
QNGVLNSWTDQDSKDSTYSMSSTLTLTKDEYERHNSYTCEATHKTSTSPIVKSFNRNE
;
L,B
#
# COMPACT_ATOMS: atom_id res chain seq x y z
N PCA A 1 20.04 -17.13 10.20
CA PCA A 1 21.07 -16.23 10.70
CB PCA A 1 21.24 -15.19 9.59
CG PCA A 1 20.27 -15.58 8.47
CD PCA A 1 19.50 -16.73 9.05
OE PCA A 1 18.51 -17.22 8.51
C PCA A 1 20.68 -15.55 11.98
O PCA A 1 19.50 -15.32 12.21
N VAL A 2 21.65 -15.27 12.84
CA VAL A 2 21.38 -14.52 14.05
C VAL A 2 20.54 -13.34 13.64
N GLN A 3 19.36 -13.20 14.24
CA GLN A 3 18.39 -12.19 13.82
C GLN A 3 17.32 -11.99 14.90
N LEU A 4 17.00 -10.73 15.19
CA LEU A 4 15.99 -10.37 16.19
C LEU A 4 14.86 -9.54 15.57
N GLN A 5 13.64 -10.08 15.58
CA GLN A 5 12.54 -9.52 14.81
C GLN A 5 11.47 -8.93 15.73
N GLN A 6 11.23 -7.62 15.61
CA GLN A 6 10.31 -6.89 16.48
C GLN A 6 9.09 -6.47 15.71
N SER A 7 8.00 -6.17 16.44
CA SER A 7 6.74 -5.75 15.79
C SER A 7 6.89 -4.35 15.23
N GLY A 8 5.98 -3.97 14.32
CA GLY A 8 6.07 -2.67 13.64
C GLY A 8 5.62 -1.52 14.53
N PRO A 9 5.75 -0.26 14.02
CA PRO A 9 5.30 0.92 14.76
C PRO A 9 3.85 0.79 15.23
N GLU A 10 3.58 1.21 16.45
CA GLU A 10 2.26 1.11 17.05
C GLU A 10 1.81 2.41 17.65
N LEU A 11 0.53 2.70 17.51
CA LEU A 11 -0.14 3.78 18.22
C LEU A 11 -0.93 3.14 19.34
N VAL A 12 -0.71 3.58 20.56
CA VAL A 12 -1.58 3.13 21.65
C VAL A 12 -2.17 4.31 22.38
N LYS A 13 -3.34 4.10 23.00
CA LYS A 13 -3.98 5.14 23.79
C LYS A 13 -3.34 5.22 25.19
N PRO A 14 -3.31 6.43 25.78
CA PRO A 14 -2.84 6.60 27.14
C PRO A 14 -3.63 5.72 28.11
N GLY A 15 -2.95 5.14 29.08
CA GLY A 15 -3.62 4.34 30.09
C GLY A 15 -3.71 2.87 29.72
N THR A 16 -3.39 2.51 28.49
CA THR A 16 -3.44 1.11 28.11
C THR A 16 -2.08 0.48 28.34
N SER A 17 -2.08 -0.84 28.29
CA SER A 17 -0.86 -1.62 28.32
C SER A 17 -0.54 -2.03 26.92
N VAL A 18 0.74 -2.08 26.61
CA VAL A 18 1.19 -2.53 25.32
C VAL A 18 2.30 -3.53 25.54
N LYS A 19 2.23 -4.60 24.79
CA LYS A 19 3.12 -5.70 24.93
C LYS A 19 3.72 -5.83 23.57
N MET A 20 5.04 -5.89 23.52
CA MET A 20 5.72 -5.99 22.26
C MET A 20 6.69 -7.19 22.26
N PRO A 21 6.85 -7.82 21.10
CA PRO A 21 7.66 -9.00 20.94
C PRO A 21 9.03 -8.74 20.33
N CYS A 22 9.91 -9.71 20.55
CA CYS A 22 11.21 -9.78 19.92
C CYS A 22 11.39 -11.25 19.63
N LYS A 23 11.21 -11.64 18.39
CA LYS A 23 11.31 -13.04 17.98
C LYS A 23 12.76 -13.33 17.59
N ALA A 24 13.35 -14.30 18.24
CA ALA A 24 14.75 -14.62 17.99
C ALA A 24 14.85 -15.72 16.95
N SER A 25 15.91 -15.67 16.15
CA SER A 25 16.25 -16.80 15.29
C SER A 25 17.76 -16.87 15.02
N GLY A 26 18.20 -18.06 14.61
CA GLY A 26 19.58 -18.28 14.20
C GLY A 26 20.58 -18.57 15.31
N TYR A 27 20.13 -18.71 16.55
CA TYR A 27 21.03 -18.95 17.70
C TYR A 27 20.30 -19.60 18.88
N ILE A 28 21.03 -20.00 19.92
CA ILE A 28 20.44 -20.69 21.07
C ILE A 28 19.77 -19.68 21.99
N PHE A 29 18.44 -19.57 21.91
CA PHE A 29 17.67 -18.59 22.69
C PHE A 29 17.98 -18.57 24.18
N THR A 30 18.12 -19.75 24.76
CA THR A 30 18.40 -19.87 26.21
C THR A 30 19.88 -19.73 26.60
N ASP A 31 20.75 -19.36 25.67
CA ASP A 31 22.19 -19.13 25.97
C ASP A 31 22.59 -17.67 26.02
N TYR A 32 21.67 -16.79 25.67
CA TYR A 32 21.96 -15.35 25.63
C TYR A 32 20.82 -14.60 26.31
N VAL A 33 21.16 -13.55 27.04
CA VAL A 33 20.16 -12.72 27.71
C VAL A 33 19.63 -11.73 26.68
N ILE A 34 18.40 -11.29 26.88
CA ILE A 34 17.78 -10.30 26.02
C ILE A 34 17.65 -9.02 26.81
N SER A 35 18.09 -7.93 26.20
CA SER A 35 18.09 -6.64 26.85
C SER A 35 17.15 -5.74 26.08
N TRP A 36 16.50 -4.85 26.81
CA TRP A 36 15.60 -3.91 26.20
C TRP A 36 16.12 -2.49 26.38
N VAL A 37 16.09 -1.69 25.30
CA VAL A 37 16.63 -0.31 25.29
C VAL A 37 15.65 0.71 24.70
N LYS A 38 15.52 1.87 25.36
CA LYS A 38 14.54 2.88 24.98
C LYS A 38 15.22 4.11 24.35
N GLN A 39 14.57 4.65 23.32
CA GLN A 39 15.09 5.83 22.62
C GLN A 39 14.02 6.79 22.17
N ARG A 40 13.85 7.88 22.89
CA ARG A 40 13.00 8.94 22.40
C ARG A 40 13.65 9.57 21.18
N THR A 41 12.80 9.97 20.23
CA THR A 41 13.28 10.46 18.95
C THR A 41 14.29 11.59 19.12
N GLY A 42 15.48 11.36 18.56
CA GLY A 42 16.55 12.32 18.60
C GLY A 42 17.21 12.46 19.94
N GLN A 43 16.90 11.56 20.88
CA GLN A 43 17.52 11.54 22.20
C GLN A 43 18.29 10.23 22.30
N GLY A 44 18.92 10.01 23.47
CA GLY A 44 19.84 8.87 23.67
C GLY A 44 19.30 7.49 24.03
N LEU A 45 20.23 6.54 24.13
CA LEU A 45 19.97 5.14 24.51
C LEU A 45 19.90 4.98 26.03
N GLU A 46 18.85 4.32 26.50
CA GLU A 46 18.50 4.26 27.90
C GLU A 46 18.10 2.82 28.19
N TRP A 47 18.84 2.15 29.06
CA TRP A 47 18.61 0.73 29.28
C TRP A 47 17.40 0.52 30.20
N ILE A 48 16.54 -0.41 29.81
CA ILE A 48 15.30 -0.64 30.57
C ILE A 48 15.43 -1.78 31.57
N GLY A 49 15.96 -2.91 31.09
CA GLY A 49 16.09 -4.14 31.86
C GLY A 49 16.55 -5.27 30.96
N GLU A 50 16.89 -6.41 31.55
CA GLU A 50 17.27 -7.64 30.81
C GLU A 50 16.58 -8.86 31.41
N ILE A 51 16.54 -9.93 30.63
CA ILE A 51 15.99 -11.22 31.05
C ILE A 51 16.89 -12.34 30.52
N PHE A 52 16.96 -13.45 31.23
CA PHE A 52 17.77 -14.59 30.85
C PHE A 52 16.78 -15.74 30.61
N PRO A 53 16.36 -15.97 29.37
CA PRO A 53 15.27 -16.94 29.13
C PRO A 53 15.47 -18.32 29.77
N ARG A 54 16.73 -18.72 29.94
CA ARG A 54 17.06 -19.97 30.58
C ARG A 54 16.48 -20.08 31.97
N SER A 55 16.74 -19.09 32.81
CA SER A 55 16.24 -19.06 34.18
C SER A 55 14.98 -18.20 34.34
N GLY A 56 14.80 -17.19 33.48
CA GLY A 56 13.67 -16.27 33.57
C GLY A 56 13.90 -15.18 34.59
N SER A 57 15.13 -15.04 35.07
CA SER A 57 15.45 -13.94 35.98
C SER A 57 15.39 -12.60 35.22
N THR A 58 14.96 -11.57 35.92
CA THR A 58 14.87 -10.25 35.33
C THR A 58 15.60 -9.24 36.21
N TYR A 59 16.29 -8.31 35.56
CA TYR A 59 17.00 -7.26 36.27
C TYR A 59 16.56 -5.97 35.60
N TYR A 60 16.30 -4.91 36.36
CA TYR A 60 15.74 -3.69 35.80
C TYR A 60 16.52 -2.44 36.17
N ASN A 61 16.51 -1.48 35.24
CA ASN A 61 16.85 -0.12 35.58
C ASN A 61 15.74 0.40 36.52
N GLU A 62 16.11 0.79 37.73
CA GLU A 62 15.19 1.39 38.70
C GLU A 62 14.10 2.27 38.10
N LYS A 63 14.45 3.08 37.12
CA LYS A 63 13.48 4.03 36.56
C LYS A 63 12.28 3.34 35.91
N PHE A 64 12.45 2.10 35.46
CA PHE A 64 11.42 1.36 34.73
C PHE A 64 10.66 0.29 35.54
N LYS A 65 11.03 0.15 36.81
CA LYS A 65 10.27 -0.66 37.74
C LYS A 65 8.95 0.04 37.96
N GLY A 66 7.86 -0.71 37.92
CA GLY A 66 6.52 -0.12 38.02
C GLY A 66 6.03 0.42 36.67
N LYS A 67 6.74 0.05 35.59
CA LYS A 67 6.42 0.47 34.23
C LYS A 67 6.62 -0.68 33.24
N ALA A 68 7.81 -1.31 33.24
CA ALA A 68 8.15 -2.39 32.30
C ALA A 68 8.22 -3.80 32.90
N THR A 69 7.72 -4.78 32.16
CA THR A 69 7.71 -6.16 32.62
C THR A 69 8.22 -7.05 31.51
N LEU A 70 9.32 -7.75 31.77
CA LEU A 70 10.00 -8.54 30.77
C LEU A 70 9.70 -10.02 30.92
N THR A 71 9.31 -10.63 29.81
CA THR A 71 8.99 -12.04 29.79
C THR A 71 9.64 -12.69 28.59
N ALA A 72 9.74 -14.00 28.65
CA ALA A 72 10.25 -14.80 27.56
C ALA A 72 9.49 -16.13 27.46
N ASP A 73 9.05 -16.45 26.24
CA ASP A 73 8.38 -17.69 25.90
C ASP A 73 9.35 -18.57 25.13
N LYS A 74 9.92 -19.56 25.83
CA LYS A 74 10.99 -20.40 25.27
C LYS A 74 10.49 -21.21 24.10
N SER A 75 9.24 -21.64 24.19
CA SER A 75 8.61 -22.45 23.17
C SER A 75 8.51 -21.75 21.82
N SER A 76 8.48 -20.42 21.83
CA SER A 76 8.44 -19.65 20.57
C SER A 76 9.73 -18.87 20.29
N ASN A 77 10.76 -19.05 21.12
CA ASN A 77 11.97 -18.22 21.04
C ASN A 77 11.66 -16.73 20.95
N THR A 78 10.66 -16.29 21.71
CA THR A 78 10.22 -14.89 21.67
C THR A 78 10.30 -14.28 23.08
N ALA A 79 10.93 -13.11 23.17
CA ALA A 79 10.91 -12.28 24.38
C ALA A 79 9.86 -11.18 24.18
N TYR A 80 9.28 -10.73 25.28
CA TYR A 80 8.26 -9.68 25.25
C TYR A 80 8.56 -8.63 26.28
N MET A 81 8.26 -7.38 25.98
CA MET A 81 8.28 -6.34 27.00
C MET A 81 6.90 -5.70 27.06
N GLN A 82 6.51 -5.29 28.25
CA GLN A 82 5.19 -4.79 28.45
C GLN A 82 5.25 -3.52 29.23
N LEU A 83 4.67 -2.47 28.68
CA LEU A 83 4.60 -1.19 29.35
C LEU A 83 3.20 -1.02 29.86
N SER A 84 3.04 -0.58 31.11
CA SER A 84 1.71 -0.41 31.68
C SER A 84 1.30 1.05 31.77
N SER A 85 -0.01 1.29 31.79
CA SER A 85 -0.57 2.62 32.05
C SER A 85 0.18 3.74 31.31
N VAL A 86 0.38 3.53 30.01
CA VAL A 86 1.29 4.38 29.23
C VAL A 86 0.88 5.85 29.17
N THR A 87 1.89 6.68 28.98
CA THR A 87 1.70 8.11 28.79
C THR A 87 2.55 8.50 27.60
N SER A 88 2.43 9.77 27.21
CA SER A 88 3.24 10.37 26.13
C SER A 88 4.73 10.26 26.37
N GLU A 89 5.11 10.23 27.65
CA GLU A 89 6.49 10.04 28.05
C GLU A 89 7.02 8.65 27.68
N ASP A 90 6.12 7.72 27.35
CA ASP A 90 6.50 6.38 26.91
C ASP A 90 6.57 6.27 25.39
N SER A 91 6.25 7.36 24.69
CA SER A 91 6.47 7.44 23.24
C SER A 91 7.98 7.36 23.01
N ALA A 92 8.41 6.32 22.30
CA ALA A 92 9.82 6.06 22.05
C ALA A 92 10.02 4.88 21.13
N VAL A 93 11.24 4.68 20.69
CA VAL A 93 11.63 3.44 20.03
C VAL A 93 12.17 2.55 21.10
N TYR A 94 11.83 1.26 21.03
CA TYR A 94 12.29 0.30 22.01
C TYR A 94 12.99 -0.79 21.24
N PHE A 95 14.23 -1.06 21.60
CA PHE A 95 14.99 -2.09 20.92
C PHE A 95 15.06 -3.27 21.84
N CYS A 96 15.14 -4.48 21.26
CA CYS A 96 15.71 -5.63 21.98
C CYS A 96 17.13 -5.89 21.48
N ALA A 97 17.97 -6.42 22.35
CA ALA A 97 19.30 -6.82 21.91
C ALA A 97 19.77 -8.04 22.64
N ARG A 98 20.56 -8.85 21.96
CA ARG A 98 21.10 -10.04 22.52
C ARG A 98 22.41 -9.66 23.16
N ASP A 99 22.41 -9.61 24.48
CA ASP A 99 23.54 -9.25 25.28
C ASP A 99 24.29 -10.49 25.56
N TYR A 100 25.38 -10.67 24.83
CA TYR A 100 26.13 -11.92 24.75
C TYR A 100 26.46 -12.52 26.06
N TYR A 101 26.19 -13.79 26.05
CA TYR A 101 26.39 -14.64 27.17
C TYR A 101 27.25 -15.69 26.50
N GLY A 102 28.45 -15.23 26.30
CA GLY A 102 29.59 -16.00 25.90
C GLY A 102 30.80 -15.31 26.52
N THR A 103 30.55 -14.60 27.63
CA THR A 103 31.48 -13.84 28.47
C THR A 103 31.90 -12.47 27.92
N SER A 104 31.65 -12.19 26.65
CA SER A 104 32.03 -10.93 26.08
C SER A 104 30.80 -10.16 26.30
N PHE A 105 30.85 -9.31 27.28
CA PHE A 105 29.63 -8.70 27.68
C PHE A 105 29.17 -7.55 26.87
N ALA A 106 28.61 -7.86 25.74
CA ALA A 106 28.08 -6.84 24.91
C ALA A 106 26.96 -7.39 24.09
N MET A 107 26.16 -6.49 23.56
CA MET A 107 25.03 -6.84 22.76
C MET A 107 25.53 -6.80 21.36
N ASP A 108 25.71 -7.91 20.70
CA ASP A 108 26.27 -7.87 19.35
C ASP A 108 25.25 -7.95 18.24
N TYR A 109 24.00 -8.19 18.56
CA TYR A 109 22.96 -8.22 17.55
C TYR A 109 21.71 -7.57 18.09
N TRP A 110 21.15 -6.67 17.31
CA TRP A 110 20.05 -5.81 17.77
C TRP A 110 18.85 -5.95 16.86
N GLY A 111 17.66 -5.74 17.42
CA GLY A 111 16.45 -5.69 16.63
C GLY A 111 16.37 -4.38 15.87
N GLN A 112 15.40 -4.28 14.97
CA GLN A 112 15.19 -3.05 14.20
C GLN A 112 14.38 -2.03 14.99
N GLY A 113 13.91 -2.41 16.18
CA GLY A 113 13.24 -1.48 17.08
C GLY A 113 11.76 -1.36 16.76
N THR A 114 10.97 -1.11 17.81
CA THR A 114 9.56 -0.94 17.63
C THR A 114 9.29 0.48 18.02
N SER A 115 8.73 1.26 17.11
CA SER A 115 8.33 2.62 17.48
C SER A 115 6.95 2.61 18.14
N VAL A 116 6.87 3.09 19.36
CA VAL A 116 5.60 3.25 20.03
C VAL A 116 5.27 4.72 20.17
N THR A 117 4.08 5.12 19.74
CA THR A 117 3.62 6.51 19.89
C THR A 117 2.35 6.51 20.74
N VAL A 118 2.47 6.90 21.98
CA VAL A 118 1.31 6.93 22.82
C VAL A 118 0.58 8.24 22.59
N SER A 119 -0.58 8.18 21.95
CA SER A 119 -1.52 9.32 21.98
C SER A 119 -2.95 8.79 21.90
N SER A 120 -3.93 9.65 22.18
CA SER A 120 -5.31 9.20 22.00
C SER A 120 -5.59 9.14 20.51
N ALA A 121 -4.93 10.01 19.75
CA ALA A 121 -5.36 10.42 18.41
C ALA A 121 -5.59 9.35 17.33
N LYS A 122 -6.49 9.67 16.41
CA LYS A 122 -6.77 8.85 15.24
C LYS A 122 -5.53 8.69 14.34
N THR A 123 -5.27 7.48 13.90
CA THR A 123 -4.11 7.23 13.09
C THR A 123 -4.49 7.39 11.67
N THR A 124 -3.90 8.39 11.08
CA THR A 124 -4.20 8.82 9.78
C THR A 124 -3.12 8.53 8.78
N PRO A 125 -3.48 7.93 7.65
CA PRO A 125 -2.67 7.61 6.51
C PRO A 125 -2.33 8.86 5.80
N PRO A 126 -1.21 8.87 5.11
CA PRO A 126 -0.90 10.16 4.52
C PRO A 126 -1.25 10.23 3.04
N SER A 127 -1.41 11.44 2.55
CA SER A 127 -1.54 11.65 1.12
C SER A 127 -0.16 11.88 0.56
N VAL A 128 0.20 11.10 -0.46
CA VAL A 128 1.43 11.30 -1.19
C VAL A 128 1.14 12.10 -2.47
N TYR A 129 1.97 13.12 -2.71
CA TYR A 129 1.87 13.92 -3.92
C TYR A 129 3.19 13.93 -4.69
N PRO A 130 3.12 13.93 -6.04
CA PRO A 130 4.32 14.01 -6.86
C PRO A 130 4.88 15.41 -6.82
N LEU A 131 6.19 15.52 -6.81
CA LEU A 131 6.85 16.81 -7.00
C LEU A 131 7.59 16.70 -8.30
N ALA A 132 7.04 17.34 -9.33
CA ALA A 132 7.68 17.43 -10.61
C ALA A 132 7.95 18.90 -10.89
N PRO A 133 8.95 19.18 -11.73
CA PRO A 133 9.28 20.55 -12.11
C PRO A 133 8.10 21.28 -12.67
N GLY A 134 8.12 22.61 -12.51
CA GLY A 134 7.31 23.52 -13.31
C GLY A 134 7.94 23.57 -14.68
N SER A 135 7.18 23.94 -15.68
CA SER A 135 7.64 23.79 -17.03
C SER A 135 8.70 24.83 -17.37
N ALA A 136 9.80 24.73 -16.66
CA ALA A 136 10.96 25.60 -16.74
C ALA A 136 12.13 24.72 -16.32
N ALA A 137 13.36 25.10 -16.67
CA ALA A 137 14.52 24.21 -16.40
C ALA A 137 15.86 24.95 -16.38
N GLN A 138 16.80 24.39 -15.61
CA GLN A 138 18.16 24.90 -15.53
C GLN A 138 19.04 23.81 -14.95
N THR A 139 20.36 23.93 -15.17
CA THR A 139 21.29 22.87 -14.79
C THR A 139 20.76 21.52 -15.33
N ASN A 140 20.42 21.49 -16.61
CA ASN A 140 19.68 20.37 -17.19
C ASN A 140 20.45 19.04 -17.24
N SER A 141 21.77 19.02 -17.03
CA SER A 141 22.50 17.74 -17.04
C SER A 141 21.86 16.76 -16.06
N MET A 142 21.40 17.29 -14.93
CA MET A 142 20.67 16.51 -13.94
C MET A 142 19.28 17.10 -13.69
N VAL A 143 18.33 16.25 -13.29
CA VAL A 143 16.98 16.71 -12.90
C VAL A 143 16.57 16.19 -11.52
N THR A 144 15.91 17.06 -10.75
CA THR A 144 15.45 16.72 -9.40
C THR A 144 13.93 16.59 -9.34
N LEU A 145 13.50 15.45 -8.80
CA LEU A 145 12.10 15.14 -8.57
C LEU A 145 11.87 14.85 -7.08
N GLY A 146 10.61 14.78 -6.66
CA GLY A 146 10.32 14.50 -5.25
C GLY A 146 8.96 13.91 -4.98
N CYS A 147 8.73 13.64 -3.69
CA CYS A 147 7.42 13.25 -3.19
C CYS A 147 7.11 14.07 -1.95
N LEU A 148 5.87 14.54 -1.87
CA LEU A 148 5.39 15.21 -0.69
C LEU A 148 4.53 14.22 0.10
N VAL A 149 4.87 14.03 1.37
CA VAL A 149 4.14 13.11 2.22
C VAL A 149 3.50 13.92 3.33
N LYS A 150 2.19 14.18 3.23
CA LYS A 150 1.53 15.13 4.14
C LYS A 150 0.34 14.53 4.84
N GLY A 151 0.13 14.99 6.07
CA GLY A 151 -1.06 14.67 6.84
C GLY A 151 -1.19 13.24 7.34
N TYR A 152 -0.09 12.68 7.88
CA TYR A 152 -0.16 11.38 8.55
C TYR A 152 0.10 11.46 10.05
N PHE A 153 -0.30 10.40 10.74
CA PHE A 153 0.00 10.22 12.16
C PHE A 153 -0.15 8.74 12.52
N PRO A 154 0.72 8.18 13.38
CA PRO A 154 1.95 8.77 13.95
C PRO A 154 3.10 8.47 13.04
N GLU A 155 4.27 8.92 13.42
CA GLU A 155 5.49 8.52 12.77
C GLU A 155 5.69 7.00 12.85
N PRO A 156 6.61 6.42 12.09
CA PRO A 156 7.35 7.00 10.98
C PRO A 156 6.72 6.57 9.64
N VAL A 157 7.16 7.17 8.55
CA VAL A 157 6.87 6.60 7.22
C VAL A 157 8.18 6.28 6.54
N THR A 158 8.11 5.42 5.54
CA THR A 158 9.29 4.98 4.81
C THR A 158 9.12 5.43 3.38
N VAL A 159 10.13 6.06 2.81
CA VAL A 159 10.11 6.45 1.39
C VAL A 159 11.29 5.81 0.66
N THR A 160 11.00 5.11 -0.42
CA THR A 160 12.05 4.61 -1.30
C THR A 160 11.71 5.03 -2.70
N TRP A 161 12.66 4.85 -3.63
CA TRP A 161 12.46 5.21 -5.01
C TRP A 161 12.67 3.96 -5.86
N ASN A 162 11.78 3.75 -6.83
CA ASN A 162 11.76 2.55 -7.67
C ASN A 162 12.08 1.24 -6.92
N SER A 163 11.35 0.98 -5.84
CA SER A 163 11.58 -0.18 -4.97
C SER A 163 13.04 -0.34 -4.51
N GLY A 164 13.65 0.76 -4.10
CA GLY A 164 15.04 0.74 -3.64
C GLY A 164 16.08 0.70 -4.76
N SER A 165 15.62 0.48 -5.99
CA SER A 165 16.50 0.33 -7.13
C SER A 165 17.02 1.71 -7.59
N LEU A 166 16.33 2.78 -7.24
CA LEU A 166 16.90 4.12 -7.31
C LEU A 166 17.46 4.44 -5.94
N SER A 167 18.79 4.38 -5.83
CA SER A 167 19.47 4.49 -4.55
C SER A 167 20.18 5.83 -4.39
N SER A 168 21.02 6.16 -5.37
CA SER A 168 21.76 7.43 -5.40
C SER A 168 20.81 8.64 -5.50
N GLY A 169 21.26 9.77 -4.98
CA GLY A 169 20.61 11.06 -5.20
C GLY A 169 19.45 11.42 -4.29
N VAL A 170 19.13 10.52 -3.36
CA VAL A 170 17.92 10.58 -2.55
C VAL A 170 18.14 11.26 -1.18
N HIS A 171 17.38 12.32 -0.91
CA HIS A 171 17.28 12.93 0.43
C HIS A 171 15.88 12.78 0.97
N THR A 172 15.74 12.13 2.13
CA THR A 172 14.44 12.08 2.82
C THR A 172 14.55 12.96 4.06
N PHE A 173 13.67 13.96 4.16
CA PHE A 173 13.72 14.97 5.20
C PHE A 173 12.99 14.53 6.47
N PRO A 174 13.54 14.88 7.65
CA PRO A 174 12.82 14.61 8.88
C PRO A 174 11.42 15.19 8.84
N ALA A 175 10.48 14.42 9.39
CA ALA A 175 9.09 14.86 9.47
C ALA A 175 8.97 16.01 10.44
N VAL A 176 7.96 16.85 10.23
CA VAL A 176 7.65 17.91 11.18
C VAL A 176 6.15 17.94 11.43
N LEU A 177 5.77 18.46 12.58
CA LEU A 177 4.43 18.27 13.09
C LEU A 177 3.63 19.55 12.90
N GLN A 178 2.54 19.44 12.13
CA GLN A 178 1.58 20.53 11.98
C GLN A 178 0.19 20.17 12.51
N SER A 179 -0.24 20.88 13.54
CA SER A 179 -1.58 20.71 14.08
C SER A 179 -1.97 19.23 14.10
N ASP A 180 -1.26 18.47 14.92
CA ASP A 180 -1.52 17.03 15.16
C ASP A 180 -1.37 16.11 13.94
N LEU A 181 -0.72 16.62 12.88
CA LEU A 181 -0.41 15.82 11.70
C LEU A 181 1.03 16.04 11.24
N TYR A 182 1.64 14.96 10.76
CA TYR A 182 3.03 14.98 10.30
C TYR A 182 3.12 15.18 8.81
N THR A 183 4.26 15.74 8.39
CA THR A 183 4.55 16.03 7.01
C THR A 183 6.04 15.96 6.72
N LEU A 184 6.43 15.21 5.71
CA LEU A 184 7.82 15.22 5.23
C LEU A 184 7.80 15.15 3.75
N SER A 185 9.00 15.20 3.15
CA SER A 185 9.16 15.07 1.70
C SER A 185 10.45 14.34 1.41
N SER A 186 10.58 13.78 0.21
CA SER A 186 11.82 13.11 -0.23
C SER A 186 12.22 13.64 -1.61
N SER A 187 13.52 13.90 -1.82
CA SER A 187 14.03 14.34 -3.13
C SER A 187 14.91 13.27 -3.74
N VAL A 188 14.89 13.21 -5.08
CA VAL A 188 15.71 12.28 -5.84
C VAL A 188 16.22 12.99 -7.09
N THR A 189 17.50 12.75 -7.45
CA THR A 189 18.12 13.44 -8.58
C THR A 189 18.69 12.47 -9.57
N VAL A 190 18.27 12.58 -10.83
CA VAL A 190 18.71 11.68 -11.89
C VAL A 190 19.26 12.43 -13.09
N PRO A 191 19.97 11.71 -13.98
CA PRO A 191 20.38 12.28 -15.26
C PRO A 191 19.20 12.89 -16.00
N SER A 192 19.36 14.14 -16.43
CA SER A 192 18.31 14.84 -17.18
C SER A 192 17.83 14.02 -18.40
N SER A 193 18.69 13.16 -18.91
CA SER A 193 18.36 12.31 -20.06
C SER A 193 17.60 11.00 -19.76
N THR A 194 17.43 10.67 -18.49
CA THR A 194 16.73 9.44 -18.12
C THR A 194 15.27 9.67 -17.77
N TRP A 195 14.89 10.93 -17.56
CA TRP A 195 13.53 11.26 -17.21
C TRP A 195 12.93 12.23 -18.21
N PRO A 196 11.65 12.01 -18.59
CA PRO A 196 10.74 10.94 -18.14
C PRO A 196 10.84 9.62 -18.90
N SER A 197 11.86 9.49 -19.75
CA SER A 197 12.04 8.32 -20.64
C SER A 197 11.99 6.96 -19.92
N GLU A 198 12.55 6.90 -18.72
CA GLU A 198 12.44 5.73 -17.85
C GLU A 198 11.81 6.19 -16.54
N THR A 199 11.02 5.31 -15.91
CA THR A 199 10.10 5.71 -14.83
C THR A 199 10.77 6.03 -13.48
N VAL A 200 10.14 6.91 -12.72
CA VAL A 200 10.56 7.25 -11.37
C VAL A 200 9.36 7.24 -10.45
N THR A 201 9.38 6.36 -9.46
CA THR A 201 8.26 6.18 -8.56
C THR A 201 8.78 6.25 -7.12
N CYS A 202 8.11 7.00 -6.26
CA CYS A 202 8.40 6.93 -4.83
C CYS A 202 7.44 5.96 -4.18
N ASN A 203 7.97 5.15 -3.27
CA ASN A 203 7.19 4.16 -2.57
C ASN A 203 7.11 4.52 -1.09
N VAL A 204 5.93 4.98 -0.68
CA VAL A 204 5.70 5.43 0.69
C VAL A 204 4.98 4.36 1.49
N ALA A 205 5.51 4.07 2.66
CA ALA A 205 4.89 3.12 3.57
C ALA A 205 4.61 3.80 4.90
N HIS A 206 3.39 3.60 5.40
CA HIS A 206 2.99 4.07 6.72
C HIS A 206 2.52 2.84 7.49
N PRO A 207 3.45 2.17 8.21
CA PRO A 207 3.19 0.93 8.99
C PRO A 207 2.01 0.99 9.96
N ALA A 208 1.85 2.13 10.61
CA ALA A 208 0.77 2.33 11.56
C ALA A 208 -0.63 2.31 10.96
N SER A 209 -0.76 2.54 9.67
CA SER A 209 -2.04 2.36 8.97
C SER A 209 -1.97 1.25 7.93
N SER A 210 -0.84 0.56 7.85
CA SER A 210 -0.57 -0.47 6.83
C SER A 210 -0.77 0.02 5.39
N THR A 211 -0.52 1.31 5.20
CA THR A 211 -0.71 1.93 3.92
C THR A 211 0.58 1.87 3.14
N LYS A 212 0.48 1.49 1.88
CA LYS A 212 1.58 1.54 0.95
C LYS A 212 1.14 2.26 -0.31
N VAL A 213 1.79 3.39 -0.60
CA VAL A 213 1.51 4.15 -1.81
C VAL A 213 2.70 4.14 -2.73
N ASP A 214 2.44 3.94 -4.02
CA ASP A 214 3.42 4.16 -5.06
C ASP A 214 2.97 5.33 -5.94
N LYS A 215 3.72 6.42 -5.93
CA LYS A 215 3.37 7.59 -6.74
C LYS A 215 4.38 7.72 -7.83
N LYS A 216 3.95 7.47 -9.07
CA LYS A 216 4.81 7.70 -10.24
C LYS A 216 4.91 9.19 -10.48
N ILE A 217 6.14 9.65 -10.69
CA ILE A 217 6.40 11.06 -10.96
C ILE A 217 6.31 11.25 -12.47
N VAL A 218 5.29 11.98 -12.90
CA VAL A 218 5.00 12.22 -14.31
C VAL A 218 5.07 13.71 -14.54
N PRO A 219 5.64 14.12 -15.68
CA PRO A 219 6.00 15.53 -15.93
C PRO A 219 4.81 16.48 -16.05
N ARG A 220 5.08 17.78 -15.87
CA ARG A 220 4.08 18.83 -15.85
C ARG A 220 3.52 18.97 -14.44
N ASP B 1 23.13 1.31 39.76
CA ASP B 1 23.64 2.44 40.58
C ASP B 1 24.90 3.11 40.04
N ILE B 2 25.32 2.80 38.82
CA ILE B 2 26.52 3.37 38.25
C ILE B 2 26.12 4.35 37.17
N VAL B 3 26.62 5.57 37.24
CA VAL B 3 26.22 6.58 36.29
C VAL B 3 27.38 6.79 35.31
N MET B 4 27.05 7.12 34.06
CA MET B 4 28.05 7.28 33.01
C MET B 4 28.09 8.68 32.43
N SER B 5 29.28 9.21 32.18
CA SER B 5 29.50 10.60 31.72
C SER B 5 30.40 10.66 30.47
N GLN B 6 29.78 10.88 29.33
CA GLN B 6 30.54 11.05 28.11
C GLN B 6 30.78 12.51 27.81
N SER B 7 31.94 12.77 27.21
CA SER B 7 32.29 14.10 26.77
C SER B 7 33.19 13.93 25.57
N PRO B 8 33.13 14.86 24.61
CA PRO B 8 32.22 16.01 24.58
C PRO B 8 30.86 15.60 24.06
N SER B 9 29.88 16.48 24.20
CA SER B 9 28.53 16.20 23.68
C SER B 9 28.58 16.17 22.14
N SER B 10 29.38 17.05 21.56
CA SER B 10 29.45 17.20 20.11
C SER B 10 30.88 17.49 19.61
N LEU B 11 31.15 17.10 18.37
CA LEU B 11 32.51 16.92 17.91
C LEU B 11 32.58 17.03 16.40
N ALA B 12 33.54 17.79 15.91
CA ALA B 12 33.66 18.06 14.46
C ALA B 12 35.09 18.05 14.00
N VAL B 13 35.42 17.14 13.08
CA VAL B 13 36.74 17.08 12.48
C VAL B 13 36.63 16.81 10.98
N SER B 14 37.67 17.17 10.26
CA SER B 14 37.72 16.94 8.84
C SER B 14 38.17 15.54 8.48
N ALA B 15 37.70 15.06 7.34
CA ALA B 15 38.12 13.75 6.82
C ALA B 15 39.63 13.63 6.91
N GLY B 16 40.10 12.50 7.44
CA GLY B 16 41.52 12.23 7.57
C GLY B 16 42.09 12.58 8.95
N GLU B 17 41.35 13.39 9.71
CA GLU B 17 41.75 13.80 11.05
C GLU B 17 41.55 12.69 12.12
N LYS B 18 42.39 12.71 13.16
CA LYS B 18 42.22 11.83 14.32
C LYS B 18 41.29 12.51 15.33
N VAL B 19 40.43 11.73 15.96
CA VAL B 19 39.53 12.27 16.97
C VAL B 19 39.48 11.31 18.17
N THR B 20 39.23 11.85 19.36
CA THR B 20 39.05 11.00 20.53
C THR B 20 37.89 11.52 21.37
N MET B 21 37.28 10.64 22.15
CA MET B 21 36.16 11.01 23.03
C MET B 21 36.24 10.25 24.33
N SER B 22 35.70 10.84 25.38
CA SER B 22 35.91 10.36 26.74
C SER B 22 34.63 9.79 27.40
N CYS B 23 34.80 8.79 28.26
CA CYS B 23 33.71 8.16 28.99
C CYS B 23 34.19 7.87 30.40
N LYS B 24 33.48 8.40 31.40
CA LYS B 24 33.79 8.15 32.81
C LYS B 24 32.62 7.53 33.59
N SER B 25 32.93 6.55 34.42
CA SER B 25 31.93 5.88 35.26
C SER B 25 32.04 6.36 36.69
N SER B 26 30.90 6.41 37.37
CA SER B 26 30.91 6.79 38.77
C SER B 26 31.63 5.76 39.67
N GLN B 27 31.83 4.52 39.18
CA GLN B 27 32.60 3.47 39.90
C GLN B 27 33.42 2.59 38.95
N SER B 28 34.45 1.93 39.47
CA SER B 28 35.35 1.12 38.61
C SER B 28 34.62 -0.03 37.98
N LEU B 29 34.97 -0.25 36.72
CA LEU B 29 34.33 -1.25 35.88
C LEU B 29 35.25 -2.43 35.69
N LEU B 30 36.17 -2.65 36.62
CA LEU B 30 37.12 -3.72 36.46
C LEU B 30 37.01 -4.70 37.59
N ASN B 31 36.38 -5.85 37.39
CA ASN B 31 36.25 -6.80 38.49
C ASN B 31 37.53 -7.61 38.78
N SER B 32 38.25 -7.96 37.72
CA SER B 32 39.38 -8.90 37.84
C SER B 32 39.88 -9.23 36.43
N ARG B 33 40.32 -10.45 36.21
CA ARG B 33 40.47 -10.98 34.86
C ARG B 33 41.37 -10.13 33.96
N THR B 34 42.57 -9.79 34.45
CA THR B 34 43.68 -9.38 33.59
C THR B 34 43.38 -8.09 32.85
N ARG B 35 42.27 -8.11 32.13
CA ARG B 35 41.60 -6.95 31.67
C ARG B 35 40.12 -7.10 31.95
N LYS B 36 39.29 -6.97 30.93
CA LYS B 36 37.89 -7.16 31.14
C LYS B 36 37.34 -6.18 32.16
N ASN B 37 37.54 -4.90 31.89
CA ASN B 37 36.65 -3.90 32.41
C ASN B 37 35.41 -4.05 31.57
N TYR B 38 34.24 -3.94 32.17
CA TYR B 38 32.98 -4.21 31.44
C TYR B 38 32.44 -2.92 30.84
N LEU B 39 33.00 -2.59 29.68
CA LEU B 39 32.79 -1.29 29.05
C LEU B 39 32.82 -1.46 27.55
N ALA B 40 31.74 -1.03 26.89
CA ALA B 40 31.58 -1.24 25.45
C ALA B 40 31.20 0.07 24.74
N TRP B 41 31.59 0.15 23.48
CA TRP B 41 31.37 1.35 22.66
C TRP B 41 30.49 0.93 21.50
N TYR B 42 29.43 1.72 21.27
CA TYR B 42 28.50 1.49 20.16
C TYR B 42 28.41 2.73 19.29
N GLN B 43 28.19 2.48 18.01
CA GLN B 43 28.04 3.52 16.99
C GLN B 43 26.61 3.47 16.46
N GLN B 44 25.92 4.62 16.51
CA GLN B 44 24.56 4.71 16.01
C GLN B 44 24.49 5.77 14.95
N LYS B 45 24.27 5.34 13.72
CA LYS B 45 24.12 6.22 12.58
C LYS B 45 22.65 6.62 12.52
N PRO B 46 22.33 7.74 11.84
CA PRO B 46 20.94 8.17 11.74
C PRO B 46 20.05 7.05 11.20
N GLY B 47 18.87 6.89 11.80
CA GLY B 47 17.86 5.94 11.37
C GLY B 47 18.29 4.47 11.35
N GLN B 48 19.30 4.15 12.13
CA GLN B 48 19.77 2.77 12.23
C GLN B 48 19.80 2.39 13.70
N SER B 49 19.74 1.07 13.90
CA SER B 49 19.88 0.51 15.23
C SER B 49 21.39 0.51 15.57
N PRO B 50 21.75 0.62 16.87
CA PRO B 50 23.17 0.71 17.26
C PRO B 50 24.01 -0.48 16.85
N LYS B 51 25.31 -0.24 16.69
CA LYS B 51 26.27 -1.29 16.34
C LYS B 51 27.44 -1.36 17.33
N LEU B 52 27.69 -2.57 17.83
CA LEU B 52 28.79 -2.84 18.76
C LEU B 52 30.14 -2.73 18.07
N LEU B 53 31.00 -1.85 18.59
CA LEU B 53 32.34 -1.68 18.02
C LEU B 53 33.44 -2.27 18.91
N ILE B 54 33.38 -1.95 20.21
CA ILE B 54 34.42 -2.38 21.17
C ILE B 54 33.80 -2.88 22.48
N TYR B 55 34.35 -3.95 23.00
CA TYR B 55 33.94 -4.41 24.32
C TYR B 55 35.17 -4.66 25.15
N TRP B 56 34.95 -4.89 26.45
CA TRP B 56 36.04 -5.09 27.39
C TRP B 56 37.05 -3.97 27.26
N ALA B 57 36.56 -2.75 27.12
CA ALA B 57 37.38 -1.55 26.99
C ALA B 57 38.12 -1.42 25.66
N SER B 58 38.86 -2.48 25.28
CA SER B 58 39.81 -2.44 24.15
C SER B 58 39.65 -3.48 23.03
N THR B 59 38.79 -4.46 23.19
CA THR B 59 38.69 -5.56 22.23
C THR B 59 37.74 -5.19 21.11
N ARG B 60 38.26 -5.16 19.89
CA ARG B 60 37.47 -4.81 18.71
C ARG B 60 36.54 -5.96 18.33
N GLU B 61 35.32 -5.61 17.94
CA GLU B 61 34.30 -6.60 17.56
C GLU B 61 34.57 -7.07 16.13
N SER B 62 34.13 -8.28 15.83
CA SER B 62 34.29 -8.89 14.49
C SER B 62 33.85 -7.95 13.37
N GLY B 63 34.72 -7.76 12.39
CA GLY B 63 34.42 -6.91 11.25
C GLY B 63 34.59 -5.42 11.46
N VAL B 64 35.00 -5.01 12.67
CA VAL B 64 35.23 -3.61 12.97
C VAL B 64 36.66 -3.28 12.55
N PRO B 65 36.84 -2.28 11.66
CA PRO B 65 38.20 -1.92 11.23
C PRO B 65 39.04 -1.30 12.36
N ASP B 66 40.36 -1.37 12.23
CA ASP B 66 41.25 -1.02 13.34
C ASP B 66 41.42 0.47 13.60
N ARG B 67 40.85 1.32 12.74
CA ARG B 67 40.97 2.75 12.96
C ARG B 67 40.14 3.22 14.15
N PHE B 68 39.22 2.38 14.60
CA PHE B 68 38.52 2.58 15.86
C PHE B 68 39.27 1.86 16.96
N THR B 69 39.63 2.57 18.03
CA THR B 69 40.50 2.01 19.05
C THR B 69 40.01 2.43 20.41
N GLY B 70 39.72 1.45 21.26
CA GLY B 70 39.26 1.71 22.62
C GLY B 70 40.41 1.52 23.56
N SER B 71 40.42 2.31 24.63
CA SER B 71 41.50 2.26 25.61
C SER B 71 41.03 2.79 26.95
N GLY B 72 41.86 2.65 27.97
CA GLY B 72 41.52 3.12 29.33
C GLY B 72 41.11 1.97 30.23
N SER B 73 40.86 2.30 31.50
CA SER B 73 40.62 1.30 32.52
C SER B 73 40.06 1.95 33.78
N GLY B 74 39.33 1.16 34.57
CA GLY B 74 38.79 1.64 35.82
C GLY B 74 37.53 2.48 35.65
N THR B 75 37.69 3.80 35.80
CA THR B 75 36.57 4.73 35.62
C THR B 75 36.84 5.75 34.53
N ASP B 76 37.84 5.51 33.71
CA ASP B 76 38.22 6.44 32.67
C ASP B 76 38.53 5.71 31.38
N PHE B 77 37.77 6.02 30.33
CA PHE B 77 37.83 5.28 29.06
C PHE B 77 37.79 6.21 27.89
N THR B 78 38.42 5.77 26.80
CA THR B 78 38.53 6.56 25.61
C THR B 78 38.25 5.72 24.38
N LEU B 79 37.57 6.36 23.43
CA LEU B 79 37.44 5.84 22.07
C LEU B 79 38.14 6.80 21.14
N THR B 80 38.98 6.25 20.27
CA THR B 80 39.76 7.04 19.34
C THR B 80 39.34 6.62 17.96
N ILE B 81 39.23 7.58 17.04
CA ILE B 81 39.10 7.28 15.62
C ILE B 81 40.24 7.98 14.88
N SER B 82 41.18 7.21 14.35
CA SER B 82 42.20 7.75 13.45
C SER B 82 41.65 7.84 12.02
N SER B 83 42.15 8.78 11.21
CA SER B 83 41.73 8.90 9.82
C SER B 83 40.21 8.84 9.64
N VAL B 84 39.53 9.80 10.27
CA VAL B 84 38.07 9.90 10.21
C VAL B 84 37.57 9.90 8.74
N GLN B 85 36.50 9.18 8.50
CA GLN B 85 35.83 9.13 7.19
C GLN B 85 34.41 9.68 7.33
N ALA B 86 33.84 10.15 6.22
CA ALA B 86 32.50 10.73 6.24
C ALA B 86 31.45 9.71 6.63
N GLU B 87 31.73 8.44 6.34
CA GLU B 87 30.88 7.32 6.75
C GLU B 87 30.74 7.12 8.26
N ASP B 88 31.66 7.72 9.02
CA ASP B 88 31.71 7.59 10.48
C ASP B 88 30.71 8.46 11.20
N LEU B 89 30.03 9.35 10.47
CA LEU B 89 29.04 10.21 11.10
C LEU B 89 28.11 9.33 11.90
N ALA B 90 28.00 9.64 13.19
CA ALA B 90 27.23 8.84 14.14
C ALA B 90 27.22 9.46 15.53
N VAL B 91 26.32 8.95 16.36
CA VAL B 91 26.40 9.21 17.79
C VAL B 91 27.06 8.02 18.41
N TYR B 92 28.08 8.28 19.21
CA TYR B 92 28.90 7.25 19.81
C TYR B 92 28.54 7.13 21.28
N TYR B 93 28.15 5.91 21.69
CA TYR B 93 27.74 5.66 23.06
C TYR B 93 28.70 4.71 23.74
N CYS B 94 29.05 5.00 25.00
CA CYS B 94 29.68 3.99 25.85
C CYS B 94 28.62 3.34 26.71
N LYS B 95 28.78 2.04 26.97
CA LYS B 95 27.88 1.34 27.90
C LYS B 95 28.66 0.50 28.91
N GLN B 96 28.12 0.42 30.11
CA GLN B 96 28.78 -0.26 31.22
C GLN B 96 28.05 -1.54 31.58
N SER B 97 28.76 -2.66 31.55
CA SER B 97 28.18 -3.95 31.91
C SER B 97 28.67 -4.49 33.25
N PHE B 98 29.44 -3.72 34.01
CA PHE B 98 29.84 -4.19 35.35
C PHE B 98 28.65 -4.68 36.20
N TYR B 99 27.66 -3.82 36.34
CA TYR B 99 26.43 -4.09 37.09
C TYR B 99 25.27 -3.51 36.31
N LEU B 100 24.28 -4.35 35.99
CA LEU B 100 23.16 -3.94 35.17
C LEU B 100 23.74 -3.29 33.91
N ARG B 101 23.22 -2.14 33.50
CA ARG B 101 23.79 -1.39 32.38
C ARG B 101 23.50 0.09 32.46
N THR B 102 24.42 0.88 31.93
CA THR B 102 24.21 2.30 31.83
C THR B 102 24.93 2.83 30.61
N PHE B 103 24.18 3.48 29.74
CA PHE B 103 24.73 4.11 28.56
C PHE B 103 25.15 5.49 28.95
N GLY B 104 26.30 5.92 28.44
CA GLY B 104 26.70 7.31 28.60
C GLY B 104 25.83 8.12 27.69
N GLY B 105 25.89 9.45 27.83
CA GLY B 105 24.98 10.38 27.16
C GLY B 105 25.12 10.38 25.65
N GLY B 106 26.29 9.96 25.17
CA GLY B 106 26.60 9.92 23.75
C GLY B 106 27.44 11.11 23.31
N THR B 107 28.22 10.88 22.26
CA THR B 107 28.97 11.92 21.58
C THR B 107 28.59 11.93 20.09
N LYS B 108 28.09 13.06 19.61
CA LYS B 108 27.79 13.21 18.20
C LYS B 108 29.06 13.55 17.41
N LEU B 109 29.35 12.76 16.38
CA LEU B 109 30.41 13.10 15.44
C LEU B 109 29.87 13.79 14.17
N ASP B 110 30.20 15.08 14.07
CA ASP B 110 29.93 15.93 12.91
C ASP B 110 31.19 16.10 12.13
N ILE B 111 31.12 15.95 10.81
CA ILE B 111 32.29 16.16 9.98
C ILE B 111 32.39 17.59 9.46
N LYS B 112 33.63 18.07 9.48
CA LYS B 112 34.00 19.36 8.96
C LYS B 112 34.31 19.15 7.50
N ARG B 113 34.02 20.13 6.67
CA ARG B 113 34.28 19.95 5.24
C ARG B 113 34.43 21.28 4.52
N ALA B 114 34.45 21.18 3.20
CA ALA B 114 34.62 22.32 2.32
C ALA B 114 33.29 22.92 1.97
N ASP B 115 33.14 24.21 2.27
CA ASP B 115 31.93 24.94 1.89
C ASP B 115 31.54 24.63 0.45
N ALA B 116 30.24 24.52 0.22
CA ALA B 116 29.70 24.28 -1.10
C ALA B 116 28.32 24.89 -1.07
N ALA B 117 27.81 25.26 -2.23
CA ALA B 117 26.56 26.02 -2.28
C ALA B 117 25.42 25.06 -2.60
N PRO B 118 24.19 25.43 -2.25
CA PRO B 118 23.09 24.52 -2.45
C PRO B 118 22.62 24.50 -3.90
N THR B 119 22.14 23.35 -4.36
CA THR B 119 21.38 23.31 -5.63
C THR B 119 19.92 23.47 -5.25
N VAL B 120 19.30 24.53 -5.76
CA VAL B 120 17.95 24.85 -5.34
C VAL B 120 16.93 24.44 -6.38
N SER B 121 15.80 23.91 -5.91
CA SER B 121 14.72 23.53 -6.79
C SER B 121 13.43 24.02 -6.15
N ILE B 122 12.47 24.38 -7.00
CA ILE B 122 11.16 24.81 -6.52
C ILE B 122 10.11 23.98 -7.27
N PHE B 123 9.05 23.61 -6.53
CA PHE B 123 8.00 22.73 -7.04
C PHE B 123 6.62 23.31 -6.78
N PRO B 124 5.78 23.44 -7.85
CA PRO B 124 4.45 23.97 -7.63
C PRO B 124 3.55 22.83 -7.18
N PRO B 125 2.44 23.15 -6.47
CA PRO B 125 1.58 22.11 -5.94
C PRO B 125 1.03 21.21 -7.03
N SER B 126 0.68 19.97 -6.66
CA SER B 126 0.17 18.98 -7.60
C SER B 126 -1.30 19.19 -7.92
N SER B 127 -1.74 18.65 -9.05
CA SER B 127 -3.15 18.73 -9.43
C SER B 127 -4.00 18.15 -8.28
N GLU B 128 -3.60 16.95 -7.85
CA GLU B 128 -4.27 16.25 -6.76
C GLU B 128 -4.47 17.11 -5.52
N GLN B 129 -3.40 17.72 -5.01
CA GLN B 129 -3.50 18.48 -3.76
C GLN B 129 -4.46 19.66 -3.86
N LEU B 130 -4.35 20.39 -4.97
CA LEU B 130 -5.24 21.53 -5.23
C LEU B 130 -6.70 21.03 -5.42
N THR B 131 -6.88 19.76 -5.11
CA THR B 131 -8.06 19.00 -5.31
C THR B 131 -8.71 18.69 -3.98
N SER B 132 -8.01 19.02 -2.90
CA SER B 132 -8.49 18.78 -1.55
C SER B 132 -8.40 20.04 -0.69
N GLY B 133 -8.39 21.21 -1.35
CA GLY B 133 -8.33 22.50 -0.67
C GLY B 133 -7.00 22.73 0.00
N GLY B 134 -5.93 22.35 -0.67
CA GLY B 134 -4.58 22.46 -0.12
C GLY B 134 -3.58 22.84 -1.19
N ALA B 135 -2.60 23.67 -0.84
CA ALA B 135 -1.60 24.12 -1.79
C ALA B 135 -0.26 24.30 -1.11
N SER B 136 0.63 23.31 -1.30
CA SER B 136 1.96 23.31 -0.68
C SER B 136 3.01 23.53 -1.75
N VAL B 137 3.83 24.54 -1.52
CA VAL B 137 4.94 24.87 -2.43
C VAL B 137 6.22 24.48 -1.72
N VAL B 138 7.06 23.76 -2.44
CA VAL B 138 8.17 23.06 -1.83
C VAL B 138 9.45 23.43 -2.53
N CYS B 139 10.46 23.72 -1.72
CA CYS B 139 11.70 24.26 -2.22
C CYS B 139 12.80 23.44 -1.57
N PHE B 140 13.61 22.78 -2.40
CA PHE B 140 14.72 21.95 -1.93
C PHE B 140 16.05 22.67 -2.12
N LEU B 141 16.84 22.68 -1.04
CA LEU B 141 18.16 23.27 -1.04
C LEU B 141 19.14 22.16 -0.74
N ASN B 142 19.76 21.61 -1.77
CA ASN B 142 20.45 20.33 -1.63
C ASN B 142 21.94 20.44 -1.71
N ASN B 143 22.60 19.52 -1.00
CA ASN B 143 24.05 19.32 -1.00
C ASN B 143 24.88 20.58 -0.73
N PHE B 144 24.63 21.22 0.41
CA PHE B 144 25.37 22.43 0.80
C PHE B 144 26.16 22.23 2.09
N TYR B 145 27.12 23.11 2.32
CA TYR B 145 27.86 23.18 3.57
C TYR B 145 28.42 24.58 3.69
N PRO B 146 28.40 25.18 4.88
CA PRO B 146 27.96 24.58 6.15
C PRO B 146 26.45 24.43 6.28
N LYS B 147 26.01 24.06 7.48
CA LYS B 147 24.61 23.80 7.78
C LYS B 147 23.82 25.09 7.97
N ASP B 148 24.46 26.26 7.95
CA ASP B 148 23.70 27.50 8.05
C ASP B 148 23.17 27.95 6.70
N ILE B 149 21.87 28.24 6.70
CA ILE B 149 21.19 28.68 5.51
C ILE B 149 19.86 29.29 5.87
N ASN B 150 19.55 30.42 5.26
CA ASN B 150 18.27 31.07 5.52
C ASN B 150 17.43 31.15 4.26
N VAL B 151 16.14 30.86 4.39
CA VAL B 151 15.24 30.81 3.24
C VAL B 151 14.15 31.87 3.36
N ARG B 152 13.91 32.58 2.26
CA ARG B 152 12.92 33.66 2.22
C ARG B 152 11.96 33.39 1.09
N TRP B 153 10.68 33.27 1.43
CA TRP B 153 9.64 33.07 0.43
C TRP B 153 9.09 34.41 -0.02
N LYS B 154 8.74 34.52 -1.31
CA LYS B 154 8.08 35.72 -1.84
C LYS B 154 6.89 35.34 -2.69
N ILE B 155 5.79 36.04 -2.49
CA ILE B 155 4.59 35.86 -3.29
C ILE B 155 4.35 37.16 -4.01
N ASP B 156 4.37 37.13 -5.33
CA ASP B 156 4.37 38.36 -6.13
C ASP B 156 5.30 39.38 -5.48
N GLY B 157 6.52 38.95 -5.16
CA GLY B 157 7.53 39.84 -4.63
C GLY B 157 7.46 40.23 -3.16
N SER B 158 6.31 39.98 -2.52
CA SER B 158 6.10 40.26 -1.10
C SER B 158 6.60 39.08 -0.30
N GLU B 159 7.56 39.33 0.59
CA GLU B 159 8.06 38.30 1.46
C GLU B 159 6.88 37.73 2.23
N ARG B 160 6.86 36.42 2.36
CA ARG B 160 5.83 35.75 3.12
C ARG B 160 6.50 35.12 4.33
N GLN B 161 5.91 35.34 5.52
CA GLN B 161 6.53 34.93 6.80
C GLN B 161 5.69 33.99 7.70
N ASN B 162 4.60 33.46 7.19
CA ASN B 162 3.99 32.29 7.83
C ASN B 162 3.35 31.31 6.88
N GLY B 163 3.05 30.13 7.42
CA GLY B 163 2.79 28.95 6.59
C GLY B 163 4.10 28.30 6.14
N VAL B 164 5.20 28.67 6.78
CA VAL B 164 6.54 28.18 6.40
C VAL B 164 7.08 27.10 7.35
N LEU B 165 7.44 25.93 6.80
CA LEU B 165 7.90 24.81 7.62
C LEU B 165 9.21 24.26 7.09
N ASN B 166 10.25 24.32 7.92
CA ASN B 166 11.61 23.94 7.51
C ASN B 166 12.14 22.70 8.20
N SER B 167 12.96 21.94 7.48
CA SER B 167 13.52 20.70 8.02
C SER B 167 14.87 20.43 7.39
N TRP B 168 15.88 20.15 8.22
CA TRP B 168 17.23 19.90 7.76
C TRP B 168 17.51 18.41 7.77
N THR B 169 18.23 17.90 6.75
CA THR B 169 18.60 16.49 6.75
C THR B 169 19.75 16.25 7.70
N ASP B 170 19.99 14.98 7.97
CA ASP B 170 21.23 14.53 8.54
C ASP B 170 22.34 14.97 7.59
N GLN B 171 23.50 15.25 8.14
CA GLN B 171 24.69 15.40 7.33
C GLN B 171 24.93 14.10 6.55
N ASP B 172 25.27 14.23 5.28
CA ASP B 172 25.36 13.07 4.38
C ASP B 172 26.65 12.27 4.65
N SER B 173 26.49 10.96 4.85
CA SER B 173 27.61 10.08 5.16
C SER B 173 28.62 9.87 4.01
N LYS B 174 28.27 10.32 2.80
CA LYS B 174 29.12 10.10 1.64
C LYS B 174 29.92 11.35 1.28
N ASP B 175 29.30 12.52 1.30
CA ASP B 175 30.00 13.76 0.95
C ASP B 175 30.02 14.82 2.06
N SER B 176 29.50 14.49 3.23
CA SER B 176 29.48 15.39 4.40
C SER B 176 28.69 16.70 4.22
N THR B 177 27.73 16.71 3.29
CA THR B 177 26.90 17.88 3.01
C THR B 177 25.57 17.82 3.72
N TYR B 178 24.89 18.96 3.77
CA TYR B 178 23.53 19.04 4.28
C TYR B 178 22.59 19.33 3.12
N SER B 179 21.32 19.03 3.33
CA SER B 179 20.26 19.47 2.46
C SER B 179 19.16 20.02 3.33
N MET B 180 18.27 20.82 2.75
CA MET B 180 17.13 21.31 3.48
C MET B 180 15.89 21.34 2.60
N SER B 181 14.74 21.24 3.27
CA SER B 181 13.45 21.36 2.70
C SER B 181 12.76 22.55 3.34
N SER B 182 12.16 23.39 2.52
CA SER B 182 11.20 24.37 3.02
C SER B 182 9.89 24.21 2.27
N THR B 183 8.81 24.17 3.06
CA THR B 183 7.47 24.00 2.56
C THR B 183 6.61 25.19 2.97
N LEU B 184 6.08 25.90 1.96
CA LEU B 184 5.10 26.95 2.19
C LEU B 184 3.71 26.42 1.88
N THR B 185 2.84 26.39 2.90
CA THR B 185 1.50 25.82 2.75
C THR B 185 0.41 26.89 2.84
N LEU B 186 -0.45 26.92 1.82
CA LEU B 186 -1.61 27.81 1.73
C LEU B 186 -2.86 26.98 1.45
N THR B 187 -4.03 27.62 1.53
CA THR B 187 -5.27 27.00 1.01
C THR B 187 -5.24 27.17 -0.50
N LYS B 188 -6.01 26.35 -1.22
CA LYS B 188 -6.11 26.49 -2.68
C LYS B 188 -6.53 27.91 -3.07
N ASP B 189 -7.56 28.40 -2.40
CA ASP B 189 -8.17 29.67 -2.80
C ASP B 189 -7.18 30.79 -2.61
N GLU B 190 -6.44 30.73 -1.50
CA GLU B 190 -5.35 31.68 -1.23
C GLU B 190 -4.21 31.60 -2.28
N TYR B 191 -3.86 30.39 -2.69
CA TYR B 191 -2.84 30.15 -3.73
C TYR B 191 -3.25 30.75 -5.07
N GLU B 192 -4.54 30.63 -5.39
CA GLU B 192 -5.09 31.09 -6.66
C GLU B 192 -5.27 32.61 -6.76
N ARG B 193 -4.95 33.34 -5.69
CA ARG B 193 -5.05 34.81 -5.69
C ARG B 193 -3.72 35.54 -6.00
N HIS B 194 -2.67 34.78 -6.31
CA HIS B 194 -1.36 35.33 -6.68
C HIS B 194 -0.81 34.60 -7.88
N ASN B 195 0.19 35.17 -8.53
CA ASN B 195 0.81 34.48 -9.64
C ASN B 195 2.22 33.94 -9.36
N SER B 196 3.15 34.81 -8.96
CA SER B 196 4.55 34.42 -8.89
C SER B 196 4.91 33.98 -7.47
N TYR B 197 5.61 32.86 -7.40
CA TYR B 197 6.06 32.28 -6.14
C TYR B 197 7.56 32.10 -6.22
N THR B 198 8.26 32.43 -5.13
CA THR B 198 9.71 32.49 -5.14
C THR B 198 10.28 32.00 -3.83
N CYS B 199 11.29 31.13 -3.89
CA CYS B 199 12.12 30.88 -2.71
C CYS B 199 13.55 31.38 -2.95
N GLU B 200 14.08 32.11 -1.95
CA GLU B 200 15.41 32.69 -2.02
C GLU B 200 16.29 32.15 -0.91
N ALA B 201 17.37 31.51 -1.33
CA ALA B 201 18.36 30.90 -0.44
C ALA B 201 19.58 31.79 -0.23
N THR B 202 19.78 32.22 1.01
CA THR B 202 20.94 33.01 1.38
C THR B 202 21.91 32.09 2.14
N HIS B 203 23.06 31.82 1.52
CA HIS B 203 24.07 30.91 2.08
C HIS B 203 25.46 31.55 2.07
N LYS B 204 26.28 31.16 3.03
CA LYS B 204 27.60 31.76 3.22
C LYS B 204 28.42 31.82 1.90
N THR B 205 28.25 30.81 1.06
CA THR B 205 28.97 30.67 -0.21
C THR B 205 28.77 31.75 -1.30
N SER B 206 27.73 32.56 -1.18
CA SER B 206 27.52 33.71 -2.03
C SER B 206 26.68 34.72 -1.28
N THR B 207 27.09 35.96 -1.33
CA THR B 207 26.35 37.01 -0.65
C THR B 207 25.10 37.41 -1.42
N SER B 208 24.94 36.92 -2.66
CA SER B 208 23.73 37.17 -3.44
C SER B 208 22.89 35.90 -3.48
N PRO B 209 21.59 36.02 -3.10
CA PRO B 209 20.76 34.83 -2.89
C PRO B 209 20.58 34.03 -4.16
N ILE B 210 20.40 32.72 -4.03
CA ILE B 210 19.99 31.89 -5.15
C ILE B 210 18.47 31.97 -5.19
N VAL B 211 17.93 32.29 -6.36
CA VAL B 211 16.49 32.53 -6.53
C VAL B 211 15.92 31.45 -7.43
N LYS B 212 14.80 30.86 -6.99
CA LYS B 212 14.01 30.01 -7.86
C LYS B 212 12.58 30.44 -7.73
N SER B 213 11.90 30.45 -8.88
CA SER B 213 10.52 30.87 -8.97
C SER B 213 9.78 30.16 -10.06
N PHE B 214 8.46 30.29 -9.99
CA PHE B 214 7.57 29.86 -11.04
C PHE B 214 6.33 30.73 -10.93
N ASN B 215 5.48 30.66 -11.95
CA ASN B 215 4.17 31.32 -11.93
C ASN B 215 3.10 30.29 -12.00
N ARG B 216 2.04 30.50 -11.23
CA ARG B 216 0.89 29.62 -11.27
C ARG B 216 0.45 29.37 -12.71
N ASN B 217 0.29 30.45 -13.45
CA ASN B 217 -0.06 30.36 -14.87
C ASN B 217 1.02 29.76 -15.73
N GLU B 218 2.27 29.73 -15.28
CA GLU B 218 3.41 29.27 -16.08
C GLU B 218 3.16 27.98 -16.88
N PCA C 1 6.08 -15.46 -22.26
CA PCA C 1 5.39 -16.22 -23.30
CB PCA C 1 5.44 -17.67 -22.83
CG PCA C 1 6.00 -17.62 -21.40
CD PCA C 1 6.38 -16.18 -21.19
OE PCA C 1 6.88 -15.73 -20.17
C PCA C 1 4.00 -15.73 -23.52
O PCA C 1 3.12 -16.02 -22.71
N VAL C 2 3.77 -15.05 -24.64
CA VAL C 2 2.44 -14.60 -25.02
C VAL C 2 1.69 -13.96 -23.86
N GLN C 3 2.16 -12.80 -23.46
CA GLN C 3 1.50 -11.97 -22.46
C GLN C 3 1.09 -10.67 -23.15
N LEU C 4 -0.03 -10.10 -22.71
CA LEU C 4 -0.50 -8.79 -23.16
C LEU C 4 -0.75 -7.92 -21.93
N GLN C 5 0.03 -6.86 -21.77
CA GLN C 5 -0.01 -6.04 -20.56
C GLN C 5 -0.64 -4.65 -20.79
N GLN C 6 -1.76 -4.40 -20.12
CA GLN C 6 -2.47 -3.12 -20.21
C GLN C 6 -2.23 -2.24 -19.00
N SER C 7 -2.54 -0.96 -19.15
CA SER C 7 -2.32 0.02 -18.08
C SER C 7 -3.41 -0.10 -17.00
N GLY C 8 -3.07 0.27 -15.78
CA GLY C 8 -4.03 0.19 -14.68
C GLY C 8 -5.24 1.13 -14.83
N PRO C 9 -6.21 1.03 -13.90
CA PRO C 9 -7.37 1.89 -13.83
C PRO C 9 -7.00 3.35 -13.95
N GLU C 10 -7.82 4.08 -14.68
CA GLU C 10 -7.59 5.49 -14.98
C GLU C 10 -8.82 6.31 -14.76
N LEU C 11 -8.65 7.48 -14.17
CA LEU C 11 -9.69 8.49 -14.06
C LEU C 11 -9.35 9.63 -14.99
N VAL C 12 -10.26 9.96 -15.91
CA VAL C 12 -10.01 11.06 -16.84
C VAL C 12 -11.16 12.05 -16.83
N LYS C 13 -10.83 13.32 -17.07
CA LYS C 13 -11.81 14.38 -17.05
C LYS C 13 -12.52 14.50 -18.40
N PRO C 14 -13.85 14.70 -18.40
CA PRO C 14 -14.63 14.72 -19.64
C PRO C 14 -14.07 15.72 -20.67
N GLY C 15 -14.01 15.33 -21.94
CA GLY C 15 -13.50 16.22 -22.99
C GLY C 15 -12.01 16.09 -23.28
N THR C 16 -11.29 15.38 -22.42
CA THR C 16 -9.89 15.12 -22.64
C THR C 16 -9.72 13.88 -23.50
N SER C 17 -8.49 13.61 -23.90
CA SER C 17 -8.19 12.37 -24.61
C SER C 17 -7.52 11.45 -23.63
N VAL C 18 -7.59 10.16 -23.90
CA VAL C 18 -6.83 9.18 -23.13
C VAL C 18 -6.16 8.21 -24.08
N LYS C 19 -4.92 7.85 -23.79
CA LYS C 19 -4.20 6.91 -24.63
C LYS C 19 -3.74 5.83 -23.70
N MET C 20 -4.10 4.60 -24.07
CA MET C 20 -3.80 3.45 -23.24
C MET C 20 -3.02 2.41 -24.04
N PRO C 21 -2.08 1.73 -23.40
CA PRO C 21 -1.20 0.77 -24.04
C PRO C 21 -1.65 -0.66 -23.94
N CYS C 22 -1.05 -1.48 -24.78
CA CYS C 22 -1.11 -2.94 -24.70
C CYS C 22 0.26 -3.47 -25.12
N LYS C 23 1.10 -3.73 -24.13
CA LYS C 23 2.46 -4.25 -24.35
C LYS C 23 2.42 -5.76 -24.62
N ALA C 24 2.86 -6.15 -25.82
CA ALA C 24 2.92 -7.56 -26.20
C ALA C 24 4.28 -8.17 -25.93
N SER C 25 4.28 -9.43 -25.52
CA SER C 25 5.52 -10.16 -25.38
C SER C 25 5.31 -11.65 -25.55
N GLY C 26 6.40 -12.34 -25.86
CA GLY C 26 6.45 -13.79 -25.93
C GLY C 26 6.07 -14.41 -27.27
N TYR C 27 5.82 -13.57 -28.28
CA TYR C 27 5.41 -14.04 -29.63
C TYR C 27 5.82 -12.97 -30.65
N ILE C 28 5.60 -13.22 -31.94
CA ILE C 28 6.02 -12.24 -32.94
C ILE C 28 4.94 -11.17 -33.08
N PHE C 29 5.18 -9.98 -32.53
CA PHE C 29 4.21 -8.86 -32.55
C PHE C 29 3.60 -8.60 -33.93
N THR C 30 4.43 -8.60 -34.96
CA THR C 30 3.98 -8.26 -36.31
C THR C 30 3.42 -9.47 -37.10
N ASP C 31 3.19 -10.61 -36.45
CA ASP C 31 2.58 -11.78 -37.13
C ASP C 31 1.13 -12.03 -36.70
N TYR C 32 0.61 -11.17 -35.84
CA TYR C 32 -0.74 -11.30 -35.31
C TYR C 32 -1.34 -9.91 -35.20
N VAL C 33 -2.66 -9.80 -35.34
CA VAL C 33 -3.35 -8.53 -35.15
C VAL C 33 -3.70 -8.37 -33.67
N ILE C 34 -3.86 -7.13 -33.24
CA ILE C 34 -4.32 -6.83 -31.88
C ILE C 34 -5.69 -6.21 -31.96
N SER C 35 -6.60 -6.69 -31.13
CA SER C 35 -7.99 -6.28 -31.19
C SER C 35 -8.42 -5.59 -29.93
N TRP C 36 -9.29 -4.60 -30.06
CA TRP C 36 -9.72 -3.83 -28.91
C TRP C 36 -11.20 -4.03 -28.66
N VAL C 37 -11.58 -4.22 -27.38
CA VAL C 37 -12.93 -4.62 -27.01
C VAL C 37 -13.40 -3.84 -25.80
N LYS C 38 -14.63 -3.32 -25.86
CA LYS C 38 -15.19 -2.49 -24.78
C LYS C 38 -16.26 -3.23 -23.97
N GLN C 39 -16.30 -2.97 -22.67
CA GLN C 39 -17.32 -3.57 -21.82
C GLN C 39 -17.75 -2.63 -20.70
N ARG C 40 -18.92 -2.01 -20.88
CA ARG C 40 -19.54 -1.23 -19.80
C ARG C 40 -19.96 -2.18 -18.70
N THR C 41 -19.84 -1.73 -17.46
CA THR C 41 -20.11 -2.61 -16.31
C THR C 41 -21.39 -3.43 -16.52
N GLY C 42 -21.23 -4.75 -16.52
CA GLY C 42 -22.35 -5.68 -16.59
C GLY C 42 -23.08 -5.71 -17.92
N GLN C 43 -22.53 -5.08 -18.95
CA GLN C 43 -23.12 -5.11 -20.27
C GLN C 43 -22.28 -6.06 -21.13
N GLY C 44 -22.58 -6.13 -22.42
CA GLY C 44 -21.88 -7.05 -23.31
C GLY C 44 -20.47 -6.65 -23.74
N LEU C 45 -19.79 -7.59 -24.38
CA LEU C 45 -18.60 -7.29 -25.12
C LEU C 45 -18.96 -6.57 -26.44
N GLU C 46 -18.13 -5.60 -26.80
CA GLU C 46 -18.41 -4.72 -27.92
C GLU C 46 -17.10 -4.48 -28.62
N TRP C 47 -16.99 -4.94 -29.86
CA TRP C 47 -15.73 -4.82 -30.59
C TRP C 47 -15.56 -3.40 -31.11
N ILE C 48 -14.36 -2.85 -30.91
CA ILE C 48 -14.05 -1.47 -31.27
C ILE C 48 -13.37 -1.39 -32.62
N GLY C 49 -12.34 -2.23 -32.78
CA GLY C 49 -11.53 -2.26 -33.99
C GLY C 49 -10.32 -3.15 -33.79
N GLU C 50 -9.53 -3.31 -34.85
CA GLU C 50 -8.24 -4.04 -34.80
C GLU C 50 -7.10 -3.25 -35.49
N ILE C 51 -5.88 -3.71 -35.31
CA ILE C 51 -4.71 -3.20 -36.05
C ILE C 51 -3.73 -4.34 -36.34
N PHE C 52 -3.05 -4.32 -37.47
CA PHE C 52 -2.05 -5.32 -37.76
C PHE C 52 -0.81 -4.55 -37.76
N PRO C 53 0.04 -4.74 -36.79
CA PRO C 53 1.29 -3.96 -36.66
C PRO C 53 2.28 -4.08 -37.82
N ARG C 54 2.21 -5.18 -38.58
CA ARG C 54 3.06 -5.38 -39.74
C ARG C 54 2.87 -4.29 -40.79
N SER C 55 1.63 -4.09 -41.20
CA SER C 55 1.31 -3.11 -42.24
C SER C 55 0.83 -1.79 -41.64
N GLY C 56 0.42 -1.81 -40.37
CA GLY C 56 -0.05 -0.62 -39.66
C GLY C 56 -1.52 -0.33 -39.89
N SER C 57 -2.17 -1.17 -40.70
CA SER C 57 -3.53 -0.92 -41.13
C SER C 57 -4.53 -1.31 -40.04
N THR C 58 -5.63 -0.59 -40.01
CA THR C 58 -6.66 -0.74 -38.98
C THR C 58 -8.01 -1.08 -39.60
N TYR C 59 -8.89 -1.61 -38.78
CA TYR C 59 -10.28 -1.84 -39.17
C TYR C 59 -11.13 -1.44 -37.98
N TYR C 60 -12.29 -0.84 -38.23
CA TYR C 60 -13.11 -0.29 -37.14
C TYR C 60 -14.56 -0.71 -37.19
N ASN C 61 -15.13 -0.94 -36.02
CA ASN C 61 -16.57 -0.94 -35.88
C ASN C 61 -17.03 0.50 -36.13
N GLU C 62 -17.95 0.66 -37.09
CA GLU C 62 -18.61 1.94 -37.39
C GLU C 62 -18.76 2.84 -36.17
N LYS C 63 -19.30 2.25 -35.10
CA LYS C 63 -19.73 3.03 -33.95
C LYS C 63 -18.57 3.83 -33.36
N PHE C 64 -17.33 3.37 -33.54
CA PHE C 64 -16.16 3.93 -32.84
C PHE C 64 -15.24 4.78 -33.70
N LYS C 65 -15.59 4.89 -34.98
CA LYS C 65 -14.93 5.83 -35.87
C LYS C 65 -15.26 7.21 -35.33
N GLY C 66 -14.25 8.07 -35.22
CA GLY C 66 -14.43 9.39 -34.61
C GLY C 66 -14.34 9.33 -33.10
N LYS C 67 -14.00 8.17 -32.55
CA LYS C 67 -13.82 8.01 -31.10
C LYS C 67 -12.48 7.38 -30.79
N ALA C 68 -12.18 6.26 -31.45
CA ALA C 68 -10.97 5.51 -31.20
C ALA C 68 -9.97 5.62 -32.32
N THR C 69 -8.70 5.65 -31.92
CA THR C 69 -7.61 5.71 -32.85
C THR C 69 -6.66 4.61 -32.44
N LEU C 70 -6.41 3.67 -33.34
CA LEU C 70 -5.58 2.49 -33.04
C LEU C 70 -4.22 2.60 -33.69
N THR C 71 -3.17 2.46 -32.89
CA THR C 71 -1.81 2.59 -33.37
C THR C 71 -0.96 1.46 -32.81
N ALA C 72 0.24 1.32 -33.37
CA ALA C 72 1.19 0.29 -32.97
C ALA C 72 2.63 0.73 -33.17
N ASP C 73 3.44 0.51 -32.14
CA ASP C 73 4.82 0.94 -32.06
C ASP C 73 5.69 -0.32 -32.01
N LYS C 74 6.24 -0.69 -33.16
CA LYS C 74 6.89 -1.99 -33.34
C LYS C 74 8.19 -2.11 -32.55
N SER C 75 8.84 -0.97 -32.39
CA SER C 75 10.05 -0.87 -31.57
C SER C 75 9.84 -1.31 -30.14
N SER C 76 8.63 -1.06 -29.61
CA SER C 76 8.28 -1.43 -28.23
C SER C 76 7.33 -2.63 -28.14
N ASN C 77 7.00 -3.27 -29.27
CA ASN C 77 5.95 -4.29 -29.29
C ASN C 77 4.67 -3.85 -28.55
N THR C 78 4.31 -2.58 -28.70
CA THR C 78 3.15 -2.02 -28.00
C THR C 78 2.07 -1.48 -28.97
N ALA C 79 0.82 -1.89 -28.74
CA ALA C 79 -0.34 -1.34 -29.41
C ALA C 79 -0.99 -0.34 -28.47
N TYR C 80 -1.59 0.71 -29.03
CA TYR C 80 -2.24 1.72 -28.23
C TYR C 80 -3.63 1.93 -28.79
N MET C 81 -4.51 2.40 -27.91
CA MET C 81 -5.80 2.93 -28.32
C MET C 81 -5.95 4.28 -27.68
N GLN C 82 -6.52 5.20 -28.45
CA GLN C 82 -6.70 6.53 -27.97
C GLN C 82 -8.16 6.89 -28.17
N LEU C 83 -8.81 7.32 -27.09
CA LEU C 83 -10.19 7.77 -27.14
C LEU C 83 -10.15 9.29 -27.10
N SER C 84 -10.92 9.95 -27.96
CA SER C 84 -10.94 11.39 -27.98
C SER C 84 -12.17 11.99 -27.29
N SER C 85 -12.00 13.20 -26.79
CA SER C 85 -13.09 13.98 -26.25
C SER C 85 -14.07 13.06 -25.51
N VAL C 86 -13.56 12.46 -24.44
CA VAL C 86 -14.32 11.45 -23.71
C VAL C 86 -15.52 11.99 -22.93
N THR C 87 -16.47 11.09 -22.71
CA THR C 87 -17.66 11.39 -21.93
C THR C 87 -17.94 10.23 -21.00
N SER C 88 -18.93 10.40 -20.14
CA SER C 88 -19.38 9.35 -19.21
C SER C 88 -19.75 8.05 -19.92
N GLU C 89 -20.18 8.19 -21.16
CA GLU C 89 -20.47 7.04 -22.04
C GLU C 89 -19.21 6.19 -22.30
N ASP C 90 -18.03 6.78 -22.14
CA ASP C 90 -16.77 6.06 -22.36
C ASP C 90 -16.26 5.36 -21.14
N SER C 91 -16.93 5.53 -20.00
CA SER C 91 -16.57 4.76 -18.80
C SER C 91 -16.79 3.29 -19.09
N ALA C 92 -15.72 2.50 -19.09
CA ALA C 92 -15.80 1.10 -19.49
C ALA C 92 -14.45 0.44 -19.35
N VAL C 93 -14.47 -0.87 -19.46
CA VAL C 93 -13.27 -1.67 -19.46
C VAL C 93 -12.96 -1.99 -20.90
N TYR C 94 -11.70 -1.83 -21.24
CA TYR C 94 -11.25 -1.95 -22.61
C TYR C 94 -10.23 -3.07 -22.60
N PHE C 95 -10.43 -4.07 -23.43
CA PHE C 95 -9.49 -5.16 -23.48
C PHE C 95 -8.73 -5.01 -24.75
N CYS C 96 -7.49 -5.47 -24.74
CA CYS C 96 -6.81 -5.82 -25.98
C CYS C 96 -6.74 -7.34 -26.03
N ALA C 97 -6.64 -7.86 -27.24
CA ALA C 97 -6.56 -9.30 -27.44
C ALA C 97 -5.82 -9.65 -28.69
N ARG C 98 -5.02 -10.68 -28.60
CA ARG C 98 -4.25 -11.05 -29.71
C ARG C 98 -5.00 -12.02 -30.56
N ASP C 99 -5.11 -11.64 -31.82
CA ASP C 99 -5.72 -12.42 -32.89
C ASP C 99 -4.76 -12.38 -34.07
N TYR C 100 -4.89 -13.31 -35.02
CA TYR C 100 -3.89 -13.35 -36.08
C TYR C 100 -4.20 -13.71 -37.52
N TYR C 101 -3.26 -13.36 -38.39
CA TYR C 101 -3.37 -13.64 -39.81
C TYR C 101 -3.28 -15.13 -40.05
N GLY C 102 -4.02 -15.59 -41.03
CA GLY C 102 -4.09 -17.01 -41.32
C GLY C 102 -5.44 -17.60 -40.98
N THR C 103 -6.39 -16.71 -40.77
CA THR C 103 -7.82 -16.98 -40.59
C THR C 103 -8.32 -17.82 -39.43
N SER C 104 -7.62 -17.89 -38.32
CA SER C 104 -8.19 -18.51 -37.15
C SER C 104 -9.31 -17.59 -36.76
N PHE C 105 -8.97 -16.31 -36.70
CA PHE C 105 -9.88 -15.23 -36.42
C PHE C 105 -10.51 -15.41 -35.08
N ALA C 106 -9.82 -16.12 -34.22
CA ALA C 106 -10.32 -16.21 -32.94
C ALA C 106 -9.22 -15.71 -32.11
N MET C 107 -9.54 -14.78 -31.25
CA MET C 107 -8.54 -14.27 -30.35
C MET C 107 -8.25 -15.27 -29.22
N ASP C 108 -6.98 -15.63 -29.04
CA ASP C 108 -6.58 -16.70 -28.11
C ASP C 108 -5.95 -16.24 -26.78
N TYR C 109 -5.43 -15.02 -26.72
CA TYR C 109 -4.89 -14.44 -25.49
C TYR C 109 -5.36 -13.00 -25.30
N TRP C 110 -5.69 -12.66 -24.07
CA TRP C 110 -6.38 -11.40 -23.72
C TRP C 110 -5.66 -10.70 -22.59
N GLY C 111 -5.61 -9.37 -22.64
CA GLY C 111 -5.08 -8.59 -21.52
C GLY C 111 -6.07 -8.64 -20.39
N GLN C 112 -5.68 -8.09 -19.25
CA GLN C 112 -6.56 -8.00 -18.08
C GLN C 112 -7.63 -6.92 -18.20
N GLY C 113 -7.45 -6.01 -19.15
CA GLY C 113 -8.35 -4.89 -19.33
C GLY C 113 -7.91 -3.66 -18.54
N THR C 114 -8.29 -2.50 -19.05
CA THR C 114 -8.02 -1.23 -18.39
C THR C 114 -9.35 -0.59 -18.09
N SER C 115 -9.55 -0.26 -16.83
CA SER C 115 -10.79 0.36 -16.41
C SER C 115 -10.74 1.89 -16.47
N VAL C 116 -11.29 2.45 -17.53
CA VAL C 116 -11.42 3.88 -17.64
C VAL C 116 -12.70 4.37 -16.95
N THR C 117 -12.60 5.43 -16.17
CA THR C 117 -13.76 6.09 -15.60
C THR C 117 -13.64 7.58 -15.88
N VAL C 118 -14.70 8.15 -16.43
CA VAL C 118 -14.71 9.55 -16.82
C VAL C 118 -15.58 10.37 -15.85
N SER C 119 -14.91 11.15 -15.00
CA SER C 119 -15.59 12.17 -14.18
C SER C 119 -14.70 13.40 -13.97
N SER C 120 -15.29 14.50 -13.54
CA SER C 120 -14.51 15.60 -12.97
C SER C 120 -14.17 15.28 -11.51
N ALA C 121 -14.81 14.25 -10.95
CA ALA C 121 -14.56 13.79 -9.59
C ALA C 121 -13.10 13.45 -9.32
N LYS C 122 -12.70 13.59 -8.05
CA LYS C 122 -11.31 13.40 -7.66
C LYS C 122 -11.05 11.98 -7.17
N THR C 123 -9.90 11.43 -7.56
CA THR C 123 -9.46 10.12 -7.08
C THR C 123 -9.36 10.19 -5.57
N THR C 124 -10.06 9.30 -4.88
CA THR C 124 -10.03 9.26 -3.44
C THR C 124 -9.63 7.85 -3.03
N PRO C 125 -8.67 7.70 -2.10
CA PRO C 125 -8.33 6.36 -1.63
C PRO C 125 -9.24 5.99 -0.45
N PRO C 126 -9.60 4.70 -0.31
CA PRO C 126 -10.64 4.35 0.64
C PRO C 126 -10.19 4.29 2.08
N SER C 127 -11.15 4.45 2.97
CA SER C 127 -11.02 4.07 4.39
C SER C 127 -11.36 2.57 4.54
N VAL C 128 -10.42 1.76 5.02
CA VAL C 128 -10.65 0.34 5.25
C VAL C 128 -10.90 0.08 6.73
N TYR C 129 -12.03 -0.56 7.06
CA TYR C 129 -12.42 -0.78 8.45
C TYR C 129 -12.56 -2.25 8.77
N PRO C 130 -12.08 -2.66 9.97
CA PRO C 130 -12.19 -4.06 10.40
C PRO C 130 -13.60 -4.39 10.86
N LEU C 131 -14.14 -5.51 10.42
CA LEU C 131 -15.45 -5.96 10.86
C LEU C 131 -15.29 -7.19 11.71
N ALA C 132 -15.34 -7.00 13.02
CA ALA C 132 -15.24 -8.09 13.98
C ALA C 132 -16.56 -8.20 14.75
N PRO C 133 -16.92 -9.44 15.19
CA PRO C 133 -18.16 -9.68 15.92
C PRO C 133 -18.21 -8.93 17.23
N GLY C 134 -19.43 -8.68 17.72
CA GLY C 134 -19.61 -8.15 19.07
C GLY C 134 -19.35 -9.25 20.07
N SER C 135 -19.43 -8.93 21.35
CA SER C 135 -19.18 -9.90 22.41
C SER C 135 -20.35 -10.88 22.56
N ALA C 136 -20.51 -11.72 21.54
CA ALA C 136 -21.49 -12.80 21.52
C ALA C 136 -21.03 -13.80 20.45
N ALA C 137 -21.21 -15.10 20.73
CA ALA C 137 -20.85 -16.15 19.79
C ALA C 137 -22.09 -16.91 19.36
N GLN C 138 -22.44 -16.79 18.08
CA GLN C 138 -23.70 -17.26 17.57
C GLN C 138 -23.36 -18.35 16.59
N THR C 139 -24.10 -19.44 16.70
CA THR C 139 -23.67 -20.69 16.13
C THR C 139 -22.43 -21.02 16.93
N ASN C 140 -21.79 -22.11 16.56
CA ASN C 140 -20.58 -22.53 17.21
C ASN C 140 -19.49 -22.67 16.19
N SER C 141 -19.83 -23.41 15.15
CA SER C 141 -18.85 -24.04 14.32
C SER C 141 -17.87 -23.10 13.61
N MET C 142 -18.42 -21.99 13.11
CA MET C 142 -17.75 -21.14 12.12
C MET C 142 -17.80 -19.72 12.63
N VAL C 143 -16.87 -18.89 12.21
CA VAL C 143 -16.95 -17.45 12.50
C VAL C 143 -16.84 -16.65 11.23
N THR C 144 -17.59 -15.53 11.19
CA THR C 144 -17.54 -14.59 10.07
C THR C 144 -16.89 -13.26 10.47
N LEU C 145 -15.92 -12.85 9.66
CA LEU C 145 -15.27 -11.55 9.78
C LEU C 145 -15.41 -10.80 8.45
N GLY C 146 -15.05 -9.52 8.46
CA GLY C 146 -15.07 -8.78 7.22
C GLY C 146 -14.20 -7.58 7.22
N CYS C 147 -14.16 -6.96 6.05
CA CYS C 147 -13.52 -5.66 5.89
C CYS C 147 -14.49 -4.77 5.17
N LEU C 148 -14.71 -3.59 5.73
CA LEU C 148 -15.52 -2.59 5.07
C LEU C 148 -14.60 -1.64 4.29
N VAL C 149 -14.90 -1.42 3.02
CA VAL C 149 -14.07 -0.55 2.18
C VAL C 149 -14.88 0.65 1.76
N LYS C 150 -14.70 1.78 2.43
CA LYS C 150 -15.61 2.92 2.31
C LYS C 150 -14.99 4.24 1.81
N GLY C 151 -15.72 4.91 0.93
CA GLY C 151 -15.35 6.28 0.49
C GLY C 151 -14.19 6.39 -0.49
N TYR C 152 -14.19 5.52 -1.50
CA TYR C 152 -13.21 5.62 -2.59
C TYR C 152 -13.89 5.97 -3.89
N PHE C 153 -13.06 6.48 -4.78
CA PHE C 153 -13.44 6.75 -6.16
C PHE C 153 -12.16 6.80 -7.01
N PRO C 154 -12.18 6.26 -8.24
CA PRO C 154 -13.23 5.50 -8.87
C PRO C 154 -13.02 4.03 -8.59
N GLU C 155 -13.80 3.17 -9.20
CA GLU C 155 -13.54 1.74 -9.22
C GLU C 155 -12.23 1.44 -9.98
N PRO C 156 -11.71 0.19 -9.93
CA PRO C 156 -12.13 -0.89 -9.04
C PRO C 156 -11.16 -0.94 -7.86
N VAL C 157 -11.55 -1.60 -6.80
CA VAL C 157 -10.62 -2.01 -5.77
C VAL C 157 -10.67 -3.52 -5.74
N THR C 158 -9.62 -4.11 -5.21
CA THR C 158 -9.49 -5.55 -5.13
C THR C 158 -9.30 -5.87 -3.65
N VAL C 159 -9.92 -6.96 -3.21
CA VAL C 159 -9.76 -7.43 -1.84
C VAL C 159 -9.23 -8.86 -1.82
N THR C 160 -8.23 -9.08 -0.98
CA THR C 160 -7.76 -10.44 -0.68
C THR C 160 -7.62 -10.62 0.83
N TRP C 161 -7.46 -11.86 1.25
CA TRP C 161 -7.31 -12.18 2.67
C TRP C 161 -5.99 -12.93 2.84
N ASN C 162 -5.22 -12.53 3.85
CA ASN C 162 -3.87 -13.06 4.10
C ASN C 162 -3.09 -13.25 2.79
N SER C 163 -2.98 -12.16 2.04
CA SER C 163 -2.31 -12.12 0.73
C SER C 163 -2.75 -13.19 -0.28
N GLY C 164 -4.06 -13.46 -0.32
CA GLY C 164 -4.62 -14.45 -1.22
C GLY C 164 -4.47 -15.87 -0.71
N SER C 165 -3.77 -16.05 0.41
CA SER C 165 -3.55 -17.38 0.96
C SER C 165 -4.84 -17.90 1.65
N LEU C 166 -5.70 -16.98 2.12
CA LEU C 166 -7.09 -17.31 2.45
C LEU C 166 -7.94 -17.19 1.20
N SER C 167 -8.28 -18.31 0.59
CA SER C 167 -9.10 -18.31 -0.63
C SER C 167 -10.52 -18.78 -0.36
N SER C 168 -10.67 -19.86 0.42
CA SER C 168 -11.99 -20.39 0.77
C SER C 168 -12.82 -19.41 1.61
N GLY C 169 -14.12 -19.37 1.36
CA GLY C 169 -15.07 -18.67 2.23
C GLY C 169 -15.16 -17.16 2.08
N VAL C 170 -14.50 -16.63 1.06
CA VAL C 170 -14.46 -15.20 0.77
C VAL C 170 -15.54 -14.72 -0.24
N HIS C 171 -16.36 -13.79 0.20
CA HIS C 171 -17.32 -13.09 -0.67
C HIS C 171 -16.92 -11.63 -0.72
N THR C 172 -16.64 -11.13 -1.92
CA THR C 172 -16.42 -9.69 -2.10
C THR C 172 -17.60 -9.06 -2.86
N PHE C 173 -18.33 -8.17 -2.17
CA PHE C 173 -19.61 -7.64 -2.66
C PHE C 173 -19.46 -6.49 -3.65
N PRO C 174 -20.23 -6.51 -4.75
CA PRO C 174 -20.20 -5.39 -5.65
C PRO C 174 -20.39 -4.05 -4.94
N ALA C 175 -19.62 -3.08 -5.42
CA ALA C 175 -19.58 -1.78 -4.81
C ALA C 175 -20.92 -1.08 -4.97
N VAL C 176 -21.20 -0.13 -4.12
CA VAL C 176 -22.40 0.69 -4.26
C VAL C 176 -22.09 2.17 -4.01
N LEU C 177 -22.72 3.00 -4.82
CA LEU C 177 -22.35 4.38 -4.97
C LEU C 177 -23.31 5.23 -4.16
N GLN C 178 -22.78 5.99 -3.23
CA GLN C 178 -23.56 6.96 -2.48
C GLN C 178 -22.82 8.28 -2.49
N SER C 179 -23.51 9.31 -2.93
CA SER C 179 -22.97 10.66 -2.86
C SER C 179 -21.52 10.72 -3.36
N ASP C 180 -21.33 10.39 -4.63
CA ASP C 180 -20.03 10.54 -5.35
C ASP C 180 -18.93 9.53 -4.95
N LEU C 181 -19.18 8.67 -3.96
CA LEU C 181 -18.15 7.79 -3.38
C LEU C 181 -18.64 6.36 -3.28
N TYR C 182 -17.74 5.41 -3.53
CA TYR C 182 -18.08 4.01 -3.53
C TYR C 182 -17.78 3.38 -2.21
N THR C 183 -18.51 2.29 -1.96
CA THR C 183 -18.32 1.47 -0.77
C THR C 183 -18.57 0.03 -1.13
N LEU C 184 -17.69 -0.85 -0.66
CA LEU C 184 -17.95 -2.27 -0.74
C LEU C 184 -17.39 -2.94 0.49
N SER C 185 -17.68 -4.22 0.65
CA SER C 185 -17.17 -4.97 1.80
C SER C 185 -16.80 -6.37 1.33
N SER C 186 -15.98 -7.05 2.11
CA SER C 186 -15.61 -8.43 1.81
C SER C 186 -15.76 -9.22 3.08
N SER C 187 -16.42 -10.39 2.98
CA SER C 187 -16.62 -11.26 4.14
C SER C 187 -15.75 -12.50 3.97
N VAL C 188 -15.36 -13.05 5.11
CA VAL C 188 -14.54 -14.24 5.15
C VAL C 188 -15.04 -15.07 6.33
N THR C 189 -15.23 -16.36 6.07
CA THR C 189 -15.75 -17.30 7.07
C THR C 189 -14.72 -18.41 7.27
N VAL C 190 -14.32 -18.58 8.53
CA VAL C 190 -13.32 -19.56 8.90
C VAL C 190 -13.82 -20.39 10.05
N PRO C 191 -13.15 -21.54 10.31
CA PRO C 191 -13.37 -22.33 11.52
C PRO C 191 -13.29 -21.47 12.77
N SER C 192 -14.33 -21.52 13.59
CA SER C 192 -14.36 -20.80 14.87
C SER C 192 -13.05 -20.98 15.70
N SER C 193 -12.37 -22.09 15.49
CA SER C 193 -11.13 -22.42 16.21
C SER C 193 -9.86 -21.86 15.59
N THR C 194 -9.95 -21.22 14.43
CA THR C 194 -8.77 -20.65 13.80
C THR C 194 -8.64 -19.16 14.09
N TRP C 195 -9.70 -18.54 14.60
CA TRP C 195 -9.66 -17.14 14.96
C TRP C 195 -10.09 -16.90 16.41
N PRO C 196 -9.38 -16.01 17.13
CA PRO C 196 -8.21 -15.22 16.69
C PRO C 196 -6.88 -15.92 16.77
N SER C 197 -6.89 -17.22 17.06
CA SER C 197 -5.64 -17.98 17.22
C SER C 197 -4.67 -17.77 16.07
N GLU C 198 -5.20 -17.72 14.85
CA GLU C 198 -4.41 -17.49 13.64
C GLU C 198 -4.87 -16.17 13.02
N THR C 199 -3.92 -15.39 12.51
CA THR C 199 -4.13 -14.00 12.07
C THR C 199 -4.91 -13.88 10.76
N VAL C 200 -5.85 -12.95 10.73
CA VAL C 200 -6.67 -12.72 9.54
C VAL C 200 -6.57 -11.26 9.12
N THR C 201 -6.10 -11.05 7.89
CA THR C 201 -5.88 -9.71 7.37
C THR C 201 -6.51 -9.58 5.98
N CYS C 202 -7.27 -8.51 5.77
CA CYS C 202 -7.75 -8.19 4.43
C CYS C 202 -6.78 -7.21 3.78
N ASN C 203 -6.54 -7.42 2.50
CA ASN C 203 -5.63 -6.59 1.72
C ASN C 203 -6.41 -5.89 0.65
N VAL C 204 -6.53 -4.58 0.79
CA VAL C 204 -7.31 -3.77 -0.11
C VAL C 204 -6.38 -2.96 -0.99
N ALA C 205 -6.67 -2.98 -2.29
CA ALA C 205 -5.85 -2.27 -3.29
C ALA C 205 -6.71 -1.39 -4.13
N HIS C 206 -6.31 -0.14 -4.24
CA HIS C 206 -7.02 0.79 -5.05
C HIS C 206 -6.03 1.34 -6.08
N PRO C 207 -5.99 0.71 -7.24
CA PRO C 207 -5.08 0.90 -8.37
C PRO C 207 -4.96 2.38 -8.68
N ALA C 208 -6.10 3.02 -8.78
CA ALA C 208 -6.24 4.36 -9.22
C ALA C 208 -5.45 5.31 -8.36
N SER C 209 -5.51 5.12 -7.04
CA SER C 209 -4.74 5.96 -6.11
C SER C 209 -3.40 5.35 -5.75
N SER C 210 -3.10 4.15 -6.27
CA SER C 210 -1.91 3.34 -5.93
C SER C 210 -1.82 2.98 -4.44
N THR C 211 -2.97 2.98 -3.77
CA THR C 211 -3.02 2.74 -2.34
C THR C 211 -3.19 1.25 -2.12
N LYS C 212 -2.46 0.75 -1.14
CA LYS C 212 -2.67 -0.59 -0.63
C LYS C 212 -2.79 -0.47 0.88
N VAL C 213 -3.85 -1.03 1.44
CA VAL C 213 -4.02 -1.12 2.88
C VAL C 213 -4.19 -2.56 3.28
N ASP C 214 -3.50 -2.94 4.33
CA ASP C 214 -3.69 -4.23 4.97
C ASP C 214 -4.33 -4.01 6.35
N LYS C 215 -5.53 -4.54 6.57
CA LYS C 215 -6.21 -4.34 7.86
C LYS C 215 -6.36 -5.68 8.57
N LYS C 216 -5.66 -5.83 9.70
CA LYS C 216 -5.81 -7.02 10.52
C LYS C 216 -7.12 -6.94 11.27
N ILE C 217 -7.83 -8.06 11.30
CA ILE C 217 -9.07 -8.17 12.07
C ILE C 217 -8.72 -8.72 13.46
N VAL C 218 -8.89 -7.88 14.48
CA VAL C 218 -8.55 -8.25 15.87
C VAL C 218 -9.83 -8.64 16.63
N PRO C 219 -9.72 -9.56 17.61
CA PRO C 219 -10.96 -9.87 18.30
C PRO C 219 -11.50 -8.70 19.10
N ARG C 220 -12.82 -8.61 19.12
CA ARG C 220 -13.55 -7.68 19.98
C ARG C 220 -13.88 -6.43 19.20
N ASP D 1 -21.03 -4.74 -40.89
CA ASP D 1 -22.45 -4.72 -40.45
C ASP D 1 -23.12 -6.09 -40.48
N ILE D 2 -22.41 -7.12 -40.01
CA ILE D 2 -23.03 -8.40 -39.65
C ILE D 2 -23.47 -8.32 -38.18
N VAL D 3 -24.75 -8.63 -37.95
CA VAL D 3 -25.36 -8.48 -36.65
C VAL D 3 -25.51 -9.86 -36.03
N MET D 4 -25.21 -9.97 -34.75
CA MET D 4 -25.21 -11.25 -34.07
C MET D 4 -26.30 -11.36 -33.02
N SER D 5 -27.04 -12.48 -33.06
CA SER D 5 -28.21 -12.73 -32.21
C SER D 5 -27.99 -14.00 -31.39
N GLN D 6 -27.87 -13.86 -30.08
CA GLN D 6 -27.80 -15.02 -29.22
C GLN D 6 -29.09 -15.18 -28.49
N SER D 7 -29.44 -16.43 -28.22
CA SER D 7 -30.60 -16.72 -27.41
C SER D 7 -30.41 -18.10 -26.76
N PRO D 8 -30.89 -18.31 -25.53
CA PRO D 8 -31.68 -17.37 -24.73
C PRO D 8 -30.81 -16.32 -24.07
N SER D 9 -31.42 -15.29 -23.52
CA SER D 9 -30.68 -14.32 -22.70
C SER D 9 -30.08 -14.98 -21.45
N SER D 10 -30.88 -15.87 -20.85
CA SER D 10 -30.61 -16.49 -19.55
C SER D 10 -30.99 -17.97 -19.50
N LEU D 11 -30.40 -18.65 -18.53
CA LEU D 11 -30.33 -20.08 -18.56
C LEU D 11 -29.90 -20.58 -17.19
N ALA D 12 -30.59 -21.61 -16.71
CA ALA D 12 -30.34 -22.19 -15.40
C ALA D 12 -30.49 -23.71 -15.50
N VAL D 13 -29.45 -24.44 -15.10
CA VAL D 13 -29.50 -25.91 -15.03
C VAL D 13 -28.72 -26.41 -13.81
N SER D 14 -29.07 -27.61 -13.36
CA SER D 14 -28.42 -28.19 -12.19
C SER D 14 -27.13 -28.85 -12.62
N ALA D 15 -26.19 -28.92 -11.68
CA ALA D 15 -24.97 -29.65 -11.95
C ALA D 15 -25.32 -31.02 -12.55
N GLY D 16 -24.62 -31.39 -13.62
CA GLY D 16 -24.77 -32.69 -14.24
C GLY D 16 -25.72 -32.76 -15.43
N GLU D 17 -26.56 -31.74 -15.60
CA GLU D 17 -27.45 -31.66 -16.77
C GLU D 17 -26.70 -31.16 -18.01
N LYS D 18 -27.29 -31.41 -19.17
CA LYS D 18 -26.78 -30.88 -20.44
C LYS D 18 -27.52 -29.58 -20.76
N VAL D 19 -26.81 -28.63 -21.35
CA VAL D 19 -27.42 -27.35 -21.74
C VAL D 19 -27.00 -27.01 -23.16
N THR D 20 -27.81 -26.21 -23.85
CA THR D 20 -27.50 -25.72 -25.20
C THR D 20 -27.94 -24.27 -25.39
N MET D 21 -27.20 -23.53 -26.24
CA MET D 21 -27.53 -22.14 -26.56
C MET D 21 -27.25 -21.82 -28.01
N SER D 22 -28.03 -20.90 -28.56
CA SER D 22 -28.03 -20.68 -29.99
C SER D 22 -27.50 -19.30 -30.35
N CYS D 23 -26.97 -19.20 -31.57
CA CYS D 23 -26.39 -17.97 -32.10
C CYS D 23 -26.72 -17.89 -33.59
N LYS D 24 -27.29 -16.76 -34.00
CA LYS D 24 -27.59 -16.50 -35.40
C LYS D 24 -26.91 -15.24 -35.93
N SER D 25 -26.41 -15.29 -37.14
CA SER D 25 -25.83 -14.12 -37.80
C SER D 25 -26.77 -13.61 -38.87
N SER D 26 -26.80 -12.30 -39.05
CA SER D 26 -27.58 -11.68 -40.11
C SER D 26 -27.09 -12.05 -41.52
N GLN D 27 -25.88 -12.61 -41.65
CA GLN D 27 -25.33 -13.11 -42.93
C GLN D 27 -24.51 -14.39 -42.74
N SER D 28 -24.39 -15.22 -43.77
CA SER D 28 -23.58 -16.43 -43.62
C SER D 28 -22.14 -16.09 -43.27
N LEU D 29 -21.58 -16.89 -42.38
CA LEU D 29 -20.20 -16.76 -41.94
C LEU D 29 -19.31 -17.76 -42.65
N LEU D 30 -19.78 -18.26 -43.78
CA LEU D 30 -19.12 -19.34 -44.47
C LEU D 30 -18.38 -18.74 -45.63
N ASN D 31 -17.08 -19.00 -45.68
CA ASN D 31 -16.22 -18.53 -46.74
C ASN D 31 -16.00 -19.65 -47.70
N SER D 32 -15.96 -19.34 -48.99
CA SER D 32 -15.56 -20.33 -49.97
C SER D 32 -14.25 -20.94 -49.51
N ARG D 33 -13.35 -20.10 -49.01
CA ARG D 33 -11.98 -20.50 -48.81
C ARG D 33 -11.98 -21.60 -47.80
N THR D 34 -12.45 -22.74 -48.26
CA THR D 34 -12.60 -23.93 -47.47
C THR D 34 -13.53 -23.81 -46.25
N ARG D 35 -14.73 -23.29 -46.46
CA ARG D 35 -15.76 -23.36 -45.43
C ARG D 35 -15.25 -22.82 -44.10
N LYS D 36 -15.24 -23.63 -43.05
CA LYS D 36 -14.67 -23.22 -41.79
C LYS D 36 -15.29 -21.89 -41.34
N ASN D 37 -16.60 -21.90 -41.21
CA ASN D 37 -17.34 -20.66 -40.95
C ASN D 37 -16.74 -19.87 -39.77
N TYR D 38 -16.57 -18.58 -39.99
CA TYR D 38 -15.75 -17.74 -39.12
C TYR D 38 -16.55 -17.31 -37.91
N LEU D 39 -16.59 -18.20 -36.93
CA LEU D 39 -17.46 -18.07 -35.78
C LEU D 39 -16.77 -18.68 -34.60
N ALA D 40 -16.83 -18.02 -33.46
CA ALA D 40 -16.19 -18.52 -32.26
C ALA D 40 -17.08 -18.34 -31.06
N TRP D 41 -16.70 -19.01 -29.97
CA TRP D 41 -17.43 -18.98 -28.71
C TRP D 41 -16.49 -18.67 -27.55
N TYR D 42 -16.90 -17.73 -26.69
CA TYR D 42 -16.09 -17.31 -25.55
C TYR D 42 -16.87 -17.40 -24.24
N GLN D 43 -16.15 -17.68 -23.18
CA GLN D 43 -16.72 -17.80 -21.86
C GLN D 43 -16.15 -16.69 -21.02
N GLN D 44 -17.02 -15.96 -20.32
CA GLN D 44 -16.55 -14.92 -19.41
C GLN D 44 -17.13 -15.09 -18.00
N LYS D 45 -16.24 -15.38 -17.07
CA LYS D 45 -16.61 -15.54 -15.67
C LYS D 45 -16.53 -14.20 -14.97
N PRO D 46 -17.27 -14.04 -13.86
CA PRO D 46 -17.30 -12.74 -13.20
C PRO D 46 -15.91 -12.21 -12.81
N GLY D 47 -15.59 -10.97 -13.18
CA GLY D 47 -14.31 -10.34 -12.83
C GLY D 47 -13.08 -10.93 -13.50
N GLN D 48 -13.28 -11.60 -14.63
CA GLN D 48 -12.19 -12.16 -15.44
C GLN D 48 -12.36 -11.66 -16.86
N SER D 49 -11.27 -11.72 -17.61
CA SER D 49 -11.33 -11.39 -19.02
C SER D 49 -11.77 -12.65 -19.76
N PRO D 50 -12.47 -12.49 -20.92
CA PRO D 50 -13.03 -13.59 -21.71
C PRO D 50 -12.03 -14.65 -22.11
N LYS D 51 -12.53 -15.87 -22.32
CA LYS D 51 -11.70 -17.02 -22.67
C LYS D 51 -12.21 -17.71 -23.93
N LEU D 52 -11.32 -17.91 -24.90
CA LEU D 52 -11.67 -18.57 -26.15
C LEU D 52 -11.88 -20.05 -25.89
N LEU D 53 -13.06 -20.56 -26.26
CA LEU D 53 -13.40 -21.98 -26.14
C LEU D 53 -13.43 -22.70 -27.49
N ILE D 54 -14.14 -22.14 -28.46
CA ILE D 54 -14.32 -22.78 -29.78
C ILE D 54 -14.06 -21.77 -30.91
N TYR D 55 -13.52 -22.26 -32.02
CA TYR D 55 -13.41 -21.47 -33.25
C TYR D 55 -13.77 -22.31 -34.45
N TRP D 56 -13.89 -21.67 -35.62
CA TRP D 56 -14.34 -22.32 -36.84
C TRP D 56 -15.61 -23.13 -36.59
N ALA D 57 -16.53 -22.54 -35.84
CA ALA D 57 -17.78 -23.20 -35.44
C ALA D 57 -17.59 -24.34 -34.44
N SER D 58 -16.70 -25.30 -34.76
CA SER D 58 -16.66 -26.59 -34.07
C SER D 58 -15.30 -27.06 -33.51
N THR D 59 -14.21 -26.31 -33.73
CA THR D 59 -12.89 -26.76 -33.27
C THR D 59 -12.61 -26.26 -31.87
N ARG D 60 -12.30 -27.17 -30.94
CA ARG D 60 -12.00 -26.80 -29.53
C ARG D 60 -10.59 -26.26 -29.32
N GLU D 61 -10.49 -25.17 -28.55
CA GLU D 61 -9.20 -24.51 -28.27
C GLU D 61 -8.35 -25.34 -27.30
N SER D 62 -7.03 -25.12 -27.37
CA SER D 62 -6.05 -25.70 -26.44
C SER D 62 -6.52 -25.72 -24.98
N GLY D 63 -6.56 -26.91 -24.40
CA GLY D 63 -6.88 -27.06 -22.98
C GLY D 63 -8.33 -26.89 -22.61
N VAL D 64 -9.19 -26.74 -23.62
CA VAL D 64 -10.62 -26.70 -23.37
C VAL D 64 -11.13 -28.13 -23.27
N PRO D 65 -11.79 -28.49 -22.15
CA PRO D 65 -12.29 -29.86 -22.05
C PRO D 65 -13.44 -30.16 -23.03
N ASP D 66 -13.61 -31.44 -23.35
CA ASP D 66 -14.53 -31.82 -24.44
C ASP D 66 -16.01 -31.76 -24.10
N ARG D 67 -16.35 -31.47 -22.85
CA ARG D 67 -17.76 -31.34 -22.50
C ARG D 67 -18.41 -30.07 -23.06
N PHE D 68 -17.58 -29.15 -23.55
CA PHE D 68 -18.04 -28.03 -24.37
C PHE D 68 -17.97 -28.41 -25.84
N THR D 69 -19.07 -28.27 -26.59
CA THR D 69 -19.12 -28.71 -27.99
C THR D 69 -19.85 -27.73 -28.88
N GLY D 70 -19.18 -27.29 -29.95
CA GLY D 70 -19.75 -26.30 -30.89
C GLY D 70 -20.16 -26.93 -32.20
N SER D 71 -21.24 -26.41 -32.79
CA SER D 71 -21.85 -27.02 -33.97
C SER D 71 -22.64 -26.00 -34.77
N GLY D 72 -23.02 -26.39 -35.98
CA GLY D 72 -23.82 -25.54 -36.86
C GLY D 72 -23.02 -24.96 -38.01
N SER D 73 -23.68 -24.21 -38.88
CA SER D 73 -23.05 -23.67 -40.08
C SER D 73 -23.90 -22.57 -40.69
N GLY D 74 -23.25 -21.68 -41.43
CA GLY D 74 -23.96 -20.65 -42.17
C GLY D 74 -24.38 -19.49 -41.29
N THR D 75 -25.67 -19.43 -40.97
CA THR D 75 -26.21 -18.36 -40.11
C THR D 75 -26.82 -18.88 -38.81
N ASP D 76 -26.64 -20.16 -38.52
CA ASP D 76 -27.21 -20.79 -37.32
C ASP D 76 -26.21 -21.68 -36.63
N PHE D 77 -25.96 -21.38 -35.36
CA PHE D 77 -24.89 -22.03 -34.61
C PHE D 77 -25.36 -22.42 -33.22
N THR D 78 -24.70 -23.41 -32.63
CA THR D 78 -25.03 -23.90 -31.29
C THR D 78 -23.80 -24.19 -30.47
N LEU D 79 -23.85 -23.83 -29.19
CA LEU D 79 -22.90 -24.28 -28.20
C LEU D 79 -23.60 -25.18 -27.16
N THR D 80 -23.04 -26.35 -26.92
CA THR D 80 -23.61 -27.34 -26.01
C THR D 80 -22.63 -27.59 -24.86
N ILE D 81 -23.14 -27.64 -23.63
CA ILE D 81 -22.35 -28.10 -22.46
C ILE D 81 -23.01 -29.32 -21.81
N SER D 82 -22.38 -30.49 -21.98
CA SER D 82 -22.81 -31.69 -21.26
C SER D 82 -22.24 -31.69 -19.85
N SER D 83 -22.92 -32.33 -18.91
CA SER D 83 -22.44 -32.44 -17.53
C SER D 83 -21.97 -31.10 -16.95
N VAL D 84 -22.88 -30.13 -16.93
CA VAL D 84 -22.60 -28.80 -16.41
C VAL D 84 -22.00 -28.86 -15.00
N GLN D 85 -20.98 -28.05 -14.74
CA GLN D 85 -20.35 -27.93 -13.41
C GLN D 85 -20.57 -26.51 -12.88
N ALA D 86 -20.55 -26.34 -11.57
CA ALA D 86 -20.80 -25.03 -10.93
C ALA D 86 -19.76 -23.98 -11.34
N GLU D 87 -18.56 -24.45 -11.66
CA GLU D 87 -17.50 -23.61 -12.16
C GLU D 87 -17.78 -23.03 -13.57
N ASP D 88 -18.77 -23.58 -14.30
CA ASP D 88 -19.16 -23.10 -15.63
C ASP D 88 -20.07 -21.90 -15.62
N LEU D 89 -20.49 -21.49 -14.44
CA LEU D 89 -21.13 -20.20 -14.21
C LEU D 89 -20.39 -19.10 -14.98
N ALA D 90 -21.04 -18.55 -16.02
CA ALA D 90 -20.43 -17.53 -16.86
C ALA D 90 -21.45 -16.89 -17.78
N VAL D 91 -21.02 -15.87 -18.51
CA VAL D 91 -21.74 -15.41 -19.68
C VAL D 91 -21.01 -15.97 -20.90
N TYR D 92 -21.80 -16.54 -21.82
CA TYR D 92 -21.27 -17.17 -23.01
C TYR D 92 -21.56 -16.31 -24.25
N TYR D 93 -20.49 -15.90 -24.94
CA TYR D 93 -20.60 -15.01 -26.08
C TYR D 93 -20.22 -15.75 -27.35
N CYS D 94 -20.96 -15.52 -28.44
CA CYS D 94 -20.49 -15.91 -29.77
C CYS D 94 -19.91 -14.70 -30.45
N LYS D 95 -18.98 -14.93 -31.37
CA LYS D 95 -18.40 -13.84 -32.16
C LYS D 95 -18.12 -14.23 -33.61
N GLN D 96 -18.53 -13.33 -34.49
CA GLN D 96 -18.37 -13.48 -35.93
C GLN D 96 -17.11 -12.80 -36.36
N SER D 97 -16.33 -13.46 -37.21
CA SER D 97 -15.16 -12.82 -37.84
C SER D 97 -15.02 -13.10 -39.35
N PHE D 98 -16.13 -13.34 -40.00
CA PHE D 98 -16.21 -13.28 -41.45
C PHE D 98 -15.83 -11.89 -42.02
N TYR D 99 -16.40 -10.86 -41.40
CA TYR D 99 -16.12 -9.47 -41.71
C TYR D 99 -16.02 -8.69 -40.42
N LEU D 100 -14.90 -8.03 -40.21
CA LEU D 100 -14.69 -7.27 -38.99
C LEU D 100 -14.93 -8.22 -37.82
N ARG D 101 -15.61 -7.78 -36.79
CA ARG D 101 -16.03 -8.68 -35.72
C ARG D 101 -17.29 -8.18 -35.04
N THR D 102 -18.13 -9.13 -34.61
CA THR D 102 -19.31 -8.76 -33.84
C THR D 102 -19.61 -9.83 -32.80
N PHE D 103 -19.68 -9.39 -31.56
CA PHE D 103 -20.06 -10.23 -30.46
C PHE D 103 -21.55 -10.25 -30.33
N GLY D 104 -22.09 -11.45 -30.08
CA GLY D 104 -23.49 -11.60 -29.76
C GLY D 104 -23.71 -10.99 -28.40
N GLY D 105 -24.95 -10.86 -28.00
CA GLY D 105 -25.29 -10.23 -26.72
C GLY D 105 -24.95 -11.06 -25.52
N GLY D 106 -24.65 -12.35 -25.73
CA GLY D 106 -24.33 -13.27 -24.65
C GLY D 106 -25.55 -14.02 -24.09
N THR D 107 -25.27 -15.23 -23.58
CA THR D 107 -26.25 -16.01 -22.83
C THR D 107 -25.67 -16.26 -21.44
N LYS D 108 -26.40 -15.85 -20.42
CA LYS D 108 -25.94 -16.06 -19.03
C LYS D 108 -26.30 -17.43 -18.48
N LEU D 109 -25.31 -18.18 -18.02
CA LEU D 109 -25.53 -19.46 -17.36
C LEU D 109 -25.51 -19.34 -15.82
N ASP D 110 -26.69 -19.50 -15.23
CA ASP D 110 -26.85 -19.65 -13.79
C ASP D 110 -27.03 -21.14 -13.46
N ILE D 111 -26.80 -21.50 -12.21
CA ILE D 111 -26.97 -22.89 -11.79
C ILE D 111 -28.21 -22.98 -10.89
N LYS D 112 -28.84 -24.16 -10.89
CA LYS D 112 -29.85 -24.52 -9.89
C LYS D 112 -29.16 -25.27 -8.74
N ARG D 113 -29.60 -24.95 -7.53
CA ARG D 113 -29.12 -25.57 -6.30
C ARG D 113 -30.34 -25.91 -5.44
N ALA D 114 -30.12 -26.70 -4.39
CA ALA D 114 -31.14 -26.92 -3.39
C ALA D 114 -31.24 -25.67 -2.54
N ASP D 115 -32.44 -25.23 -2.21
CA ASP D 115 -32.61 -24.09 -1.31
C ASP D 115 -31.67 -24.22 -0.10
N ALA D 116 -31.13 -23.10 0.36
CA ALA D 116 -30.33 -23.07 1.58
C ALA D 116 -30.57 -21.72 2.20
N ALA D 117 -30.36 -21.64 3.52
CA ALA D 117 -30.69 -20.45 4.26
C ALA D 117 -29.47 -19.56 4.46
N PRO D 118 -29.69 -18.31 4.82
CA PRO D 118 -28.52 -17.45 4.95
C PRO D 118 -27.89 -17.51 6.34
N THR D 119 -26.59 -17.71 6.40
CA THR D 119 -25.83 -17.47 7.61
C THR D 119 -25.75 -15.95 7.81
N VAL D 120 -26.29 -15.45 8.90
CA VAL D 120 -26.36 -14.00 9.11
C VAL D 120 -25.35 -13.57 10.17
N SER D 121 -24.68 -12.43 9.92
CA SER D 121 -23.73 -11.84 10.87
C SER D 121 -23.97 -10.35 10.93
N ILE D 122 -23.91 -9.77 12.12
CA ILE D 122 -24.05 -8.32 12.29
C ILE D 122 -22.77 -7.80 12.96
N PHE D 123 -22.31 -6.62 12.52
CA PHE D 123 -21.06 -6.05 12.98
C PHE D 123 -21.23 -4.62 13.39
N PRO D 124 -20.78 -4.27 14.60
CA PRO D 124 -20.81 -2.85 14.95
C PRO D 124 -19.66 -2.08 14.28
N PRO D 125 -19.79 -0.75 14.20
CA PRO D 125 -18.74 0.07 13.57
C PRO D 125 -17.36 -0.07 14.24
N SER D 126 -16.30 0.17 13.48
CA SER D 126 -14.95 0.19 14.01
C SER D 126 -14.66 1.52 14.70
N SER D 127 -13.76 1.51 15.67
CA SER D 127 -13.41 2.74 16.39
C SER D 127 -12.69 3.69 15.44
N GLU D 128 -11.87 3.14 14.55
CA GLU D 128 -11.23 3.98 13.55
C GLU D 128 -12.28 4.86 12.87
N GLN D 129 -13.34 4.22 12.36
CA GLN D 129 -14.40 4.93 11.66
C GLN D 129 -15.07 5.96 12.57
N LEU D 130 -15.35 5.55 13.81
CA LEU D 130 -16.04 6.41 14.76
C LEU D 130 -15.25 7.67 15.08
N THR D 131 -13.94 7.54 15.21
CA THR D 131 -13.11 8.73 15.41
C THR D 131 -13.24 9.72 14.24
N SER D 132 -13.39 9.18 13.04
CA SER D 132 -13.59 10.01 11.83
C SER D 132 -15.01 10.54 11.62
N GLY D 133 -15.94 10.18 12.51
CA GLY D 133 -17.29 10.77 12.54
C GLY D 133 -18.36 9.95 11.87
N GLY D 134 -17.97 8.82 11.27
CA GLY D 134 -18.88 7.92 10.57
C GLY D 134 -19.19 6.71 11.42
N ALA D 135 -20.31 6.06 11.12
CA ALA D 135 -20.72 4.87 11.86
C ALA D 135 -21.53 3.96 10.96
N SER D 136 -20.86 2.96 10.38
CA SER D 136 -21.52 2.02 9.49
C SER D 136 -21.80 0.73 10.23
N VAL D 137 -23.03 0.27 10.15
CA VAL D 137 -23.40 -1.03 10.70
C VAL D 137 -23.65 -1.97 9.54
N VAL D 138 -23.04 -3.15 9.62
CA VAL D 138 -22.92 -4.06 8.50
C VAL D 138 -23.50 -5.42 8.86
N CYS D 139 -24.28 -5.96 7.93
CA CYS D 139 -25.03 -7.17 8.15
C CYS D 139 -24.79 -8.03 6.95
N PHE D 140 -24.17 -9.19 7.16
CA PHE D 140 -23.88 -10.13 6.09
C PHE D 140 -24.88 -11.28 6.13
N LEU D 141 -25.47 -11.60 4.97
CA LEU D 141 -26.43 -12.70 4.80
C LEU D 141 -25.86 -13.64 3.77
N ASN D 142 -25.21 -14.70 4.21
CA ASN D 142 -24.26 -15.37 3.34
C ASN D 142 -24.66 -16.77 2.94
N ASN D 143 -24.16 -17.19 1.77
CA ASN D 143 -24.33 -18.56 1.24
C ASN D 143 -25.79 -19.10 1.22
N PHE D 144 -26.70 -18.36 0.57
CA PHE D 144 -28.10 -18.73 0.51
C PHE D 144 -28.56 -19.02 -0.91
N TYR D 145 -29.71 -19.69 -1.04
CA TYR D 145 -30.38 -19.94 -2.32
C TYR D 145 -31.86 -20.20 -2.04
N PRO D 146 -32.79 -19.66 -2.85
CA PRO D 146 -32.57 -18.81 -4.05
C PRO D 146 -32.11 -17.40 -3.70
N LYS D 147 -31.79 -16.62 -4.73
CA LYS D 147 -31.23 -15.27 -4.56
C LYS D 147 -32.19 -14.26 -3.89
N ASP D 148 -33.50 -14.49 -4.00
CA ASP D 148 -34.49 -13.58 -3.40
C ASP D 148 -34.32 -13.53 -1.88
N ILE D 149 -34.42 -12.34 -1.30
CA ILE D 149 -34.29 -12.17 0.13
C ILE D 149 -34.66 -10.73 0.54
N ASN D 150 -35.27 -10.58 1.71
CA ASN D 150 -35.66 -9.26 2.21
C ASN D 150 -35.03 -8.96 3.57
N VAL D 151 -34.49 -7.75 3.72
CA VAL D 151 -33.80 -7.36 4.94
C VAL D 151 -34.48 -6.13 5.52
N ARG D 152 -34.63 -6.11 6.84
CA ARG D 152 -35.17 -4.95 7.57
C ARG D 152 -34.25 -4.59 8.74
N TRP D 153 -34.02 -3.29 8.94
CA TRP D 153 -33.19 -2.78 10.06
C TRP D 153 -34.04 -2.17 11.17
N LYS D 154 -33.63 -2.33 12.43
CA LYS D 154 -34.34 -1.77 13.58
C LYS D 154 -33.36 -1.13 14.56
N ILE D 155 -33.68 0.07 15.06
CA ILE D 155 -32.88 0.75 16.08
C ILE D 155 -33.72 0.90 17.33
N ASP D 156 -33.25 0.33 18.44
CA ASP D 156 -34.03 0.27 19.69
C ASP D 156 -35.47 -0.22 19.41
N GLY D 157 -35.61 -1.17 18.48
CA GLY D 157 -36.92 -1.69 18.12
C GLY D 157 -37.67 -1.05 16.97
N SER D 158 -37.32 0.21 16.63
CA SER D 158 -38.00 0.95 15.55
C SER D 158 -37.37 0.63 14.20
N GLU D 159 -38.18 0.19 13.24
CA GLU D 159 -37.69 -0.01 11.87
C GLU D 159 -37.08 1.29 11.36
N ARG D 160 -35.94 1.17 10.69
CA ARG D 160 -35.23 2.30 10.09
C ARG D 160 -35.19 2.06 8.60
N GLN D 161 -35.52 3.07 7.79
CA GLN D 161 -35.64 2.88 6.33
C GLN D 161 -34.74 3.76 5.45
N ASN D 162 -33.81 4.50 6.05
CA ASN D 162 -32.79 5.14 5.22
C ASN D 162 -31.40 5.21 5.79
N GLY D 163 -30.46 5.52 4.90
CA GLY D 163 -29.04 5.23 5.14
C GLY D 163 -28.71 3.76 4.89
N VAL D 164 -29.64 3.03 4.26
CA VAL D 164 -29.52 1.58 4.04
C VAL D 164 -29.09 1.27 2.62
N LEU D 165 -28.01 0.52 2.46
CA LEU D 165 -27.46 0.23 1.14
C LEU D 165 -27.14 -1.24 1.01
N ASN D 166 -27.68 -1.86 -0.03
CA ASN D 166 -27.54 -3.29 -0.25
C ASN D 166 -26.68 -3.63 -1.47
N SER D 167 -26.13 -4.84 -1.48
CA SER D 167 -25.40 -5.37 -2.64
C SER D 167 -25.49 -6.89 -2.64
N TRP D 168 -25.71 -7.48 -3.82
CA TRP D 168 -25.84 -8.92 -3.94
C TRP D 168 -24.68 -9.43 -4.79
N THR D 169 -24.02 -10.48 -4.32
CA THR D 169 -22.84 -11.03 -5.00
C THR D 169 -23.21 -11.84 -6.21
N ASP D 170 -22.19 -12.16 -7.00
CA ASP D 170 -22.32 -13.14 -8.05
C ASP D 170 -22.61 -14.46 -7.39
N GLN D 171 -23.36 -15.29 -8.10
CA GLN D 171 -23.54 -16.67 -7.69
C GLN D 171 -22.15 -17.31 -7.52
N ASP D 172 -21.98 -18.10 -6.46
CA ASP D 172 -20.70 -18.69 -6.15
C ASP D 172 -20.41 -19.89 -7.05
N SER D 173 -19.21 -19.93 -7.62
CA SER D 173 -18.78 -20.98 -8.56
C SER D 173 -18.43 -22.34 -7.94
N LYS D 174 -18.49 -22.43 -6.63
CA LYS D 174 -18.17 -23.68 -5.95
C LYS D 174 -19.46 -24.36 -5.47
N ASP D 175 -20.34 -23.62 -4.79
CA ASP D 175 -21.57 -24.21 -4.21
C ASP D 175 -22.86 -23.61 -4.74
N SER D 176 -22.74 -22.74 -5.74
CA SER D 176 -23.90 -22.19 -6.44
C SER D 176 -24.82 -21.31 -5.58
N THR D 177 -24.29 -20.76 -4.49
CA THR D 177 -25.08 -19.93 -3.60
C THR D 177 -24.87 -18.45 -3.85
N TYR D 178 -25.76 -17.65 -3.26
CA TYR D 178 -25.66 -16.20 -3.24
C TYR D 178 -25.31 -15.71 -1.85
N SER D 179 -24.82 -14.49 -1.77
CA SER D 179 -24.63 -13.82 -0.50
C SER D 179 -25.12 -12.41 -0.70
N MET D 180 -25.41 -11.72 0.38
CA MET D 180 -25.79 -10.31 0.29
C MET D 180 -25.27 -9.52 1.48
N SER D 181 -24.95 -8.26 1.19
CA SER D 181 -24.48 -7.31 2.16
C SER D 181 -25.53 -6.22 2.35
N SER D 182 -25.77 -5.82 3.58
CA SER D 182 -26.59 -4.63 3.85
C SER D 182 -25.84 -3.75 4.83
N THR D 183 -25.68 -2.49 4.46
CA THR D 183 -24.94 -1.52 5.26
C THR D 183 -25.83 -0.36 5.63
N LEU D 184 -25.91 -0.10 6.92
CA LEU D 184 -26.62 1.05 7.44
C LEU D 184 -25.58 2.07 7.89
N THR D 185 -25.62 3.27 7.32
CA THR D 185 -24.64 4.29 7.67
C THR D 185 -25.29 5.46 8.42
N LEU D 186 -24.70 5.81 9.56
CA LEU D 186 -25.11 6.96 10.40
C LEU D 186 -23.91 7.84 10.72
N THR D 187 -24.17 9.01 11.30
CA THR D 187 -23.11 9.84 11.87
C THR D 187 -22.73 9.21 13.19
N LYS D 188 -21.55 9.49 13.71
CA LYS D 188 -21.16 8.96 15.05
C LYS D 188 -22.13 9.45 16.12
N ASP D 189 -22.50 10.72 16.05
CA ASP D 189 -23.34 11.31 17.10
C ASP D 189 -24.72 10.69 17.07
N GLU D 190 -25.24 10.49 15.87
CA GLU D 190 -26.52 9.80 15.68
C GLU D 190 -26.44 8.37 16.21
N TYR D 191 -25.31 7.70 15.96
CA TYR D 191 -25.06 6.33 16.45
C TYR D 191 -25.00 6.23 17.98
N GLU D 192 -24.44 7.25 18.60
CA GLU D 192 -24.26 7.29 20.06
C GLU D 192 -25.54 7.67 20.81
N ARG D 193 -26.61 8.00 20.10
CA ARG D 193 -27.89 8.35 20.74
C ARG D 193 -28.82 7.14 20.94
N HIS D 194 -28.32 5.94 20.63
CA HIS D 194 -29.12 4.71 20.66
C HIS D 194 -28.32 3.57 21.26
N ASN D 195 -28.99 2.50 21.69
CA ASN D 195 -28.24 1.32 22.12
C ASN D 195 -28.40 0.08 21.23
N SER D 196 -29.62 -0.40 20.99
CA SER D 196 -29.80 -1.69 20.27
C SER D 196 -30.01 -1.56 18.75
N TYR D 197 -29.33 -2.40 17.98
CA TYR D 197 -29.46 -2.46 16.52
C TYR D 197 -29.78 -3.90 16.06
N THR D 198 -30.71 -4.02 15.12
CA THR D 198 -31.16 -5.31 14.63
C THR D 198 -31.24 -5.37 13.11
N CYS D 199 -30.72 -6.44 12.51
CA CYS D 199 -30.89 -6.64 11.10
C CYS D 199 -31.67 -7.93 10.93
N GLU D 200 -32.80 -7.85 10.20
CA GLU D 200 -33.78 -8.95 10.07
C GLU D 200 -33.96 -9.53 8.67
N ALA D 201 -33.60 -10.81 8.51
CA ALA D 201 -33.61 -11.49 7.21
C ALA D 201 -34.83 -12.40 7.01
N THR D 202 -35.63 -12.08 5.99
CA THR D 202 -36.75 -12.91 5.56
C THR D 202 -36.35 -13.66 4.29
N HIS D 203 -36.28 -14.99 4.36
CA HIS D 203 -35.95 -15.84 3.19
C HIS D 203 -36.84 -17.06 3.06
N LYS D 204 -37.03 -17.53 1.83
CA LYS D 204 -37.94 -18.64 1.57
C LYS D 204 -37.81 -19.82 2.56
N THR D 205 -36.58 -20.17 2.93
CA THR D 205 -36.35 -21.38 3.71
C THR D 205 -37.08 -21.50 5.06
N SER D 206 -37.21 -20.38 5.78
CA SER D 206 -37.89 -20.39 7.08
C SER D 206 -39.04 -19.39 7.07
N THR D 207 -40.15 -19.72 7.72
CA THR D 207 -41.28 -18.79 7.80
C THR D 207 -41.06 -17.68 8.83
N SER D 208 -39.99 -17.79 9.62
CA SER D 208 -39.66 -16.80 10.65
C SER D 208 -38.33 -16.10 10.33
N PRO D 209 -38.29 -14.78 10.50
CA PRO D 209 -37.05 -14.09 10.13
C PRO D 209 -35.89 -14.51 11.01
N ILE D 210 -34.69 -14.50 10.44
CA ILE D 210 -33.47 -14.67 11.22
C ILE D 210 -33.11 -13.26 11.70
N VAL D 211 -32.87 -13.15 13.00
CA VAL D 211 -32.56 -11.88 13.65
C VAL D 211 -31.12 -11.91 14.14
N LYS D 212 -30.44 -10.79 13.96
CA LYS D 212 -29.15 -10.54 14.60
C LYS D 212 -29.13 -9.12 15.11
N SER D 213 -28.59 -8.95 16.32
CA SER D 213 -28.55 -7.67 16.99
C SER D 213 -27.35 -7.54 17.86
N PHE D 214 -27.02 -6.30 18.19
CA PHE D 214 -26.02 -5.99 19.20
C PHE D 214 -26.40 -4.68 19.88
N ASN D 215 -25.71 -4.38 20.97
CA ASN D 215 -25.88 -3.14 21.72
C ASN D 215 -24.58 -2.40 21.70
N ARG D 216 -24.65 -1.09 21.44
CA ARG D 216 -23.46 -0.25 21.39
C ARG D 216 -22.56 -0.47 22.61
N ASN D 217 -23.15 -0.57 23.79
CA ASN D 217 -22.40 -0.84 25.03
C ASN D 217 -21.96 -2.31 25.11
N GLU D 218 -22.92 -3.21 25.25
CA GLU D 218 -22.65 -4.66 25.30
C GLU D 218 -21.53 -5.01 26.29
#